data_6D9G
#
_entry.id   6D9G
#
_cell.length_a   82.870
_cell.length_b   85.490
_cell.length_c   141.700
_cell.angle_alpha   90.00
_cell.angle_beta   90.00
_cell.angle_gamma   90.00
#
_symmetry.space_group_name_H-M   'P 2 21 21'
#
loop_
_entity.id
_entity.type
_entity.pdbx_description
1 polymer 'Antibody heavy chain Fab'
2 polymer 'Antibody light chain Fab'
3 water water
#
loop_
_entity_poly.entity_id
_entity_poly.type
_entity_poly.pdbx_seq_one_letter_code
_entity_poly.pdbx_strand_id
1 'polypeptide(L)'
;QVQLQQSGPELVKLGASVRISCKASGYRFSYSWMNWVKQRPGKGLEWIGRIYPGDGDTKYSGKFKGKATLTADKSSSTVY
MQLSSLTSEDSAVYFCARSAYGSEGFAMDYWGQGTSVTVSSAKTTAPSVFPLAPVCGDTTGSSVTLGCLVKGYFPEPVTL
TWNSGSLSSGVHTFPAVLQSGLYTLSSSVTVTSSTWPSQSITCNVAHPASSTKVDKKLVPRGSHHHHHH
;
A,C
2 'polypeptide(L)'
;DIVLTQSPASLAVSLGQRATISCRASESVDNYGISFLNWFQQKPGQPPKLLIYAASNQGSGVPARFSGSGSGTYFSLNIH
PMEEDDTAVYFCQQTKGVSWTFGGGTKVEIKRADAAPTVSVFPPSSEQLTSGGASVVCFLNNFYPRDINVKWKIDGSERQ
NGVLNSWTDQDSKDSTYSMSSTLTLTKDEYERHNSYTCEATHKTSTSPIVKSFNRG
;
B,D
#
# COMPACT_ATOMS: atom_id res chain seq x y z
N GLN A 1 18.06 3.25 -3.06
CA GLN A 1 17.35 1.98 -2.99
C GLN A 1 18.11 0.99 -2.12
N VAL A 2 18.27 1.34 -0.84
CA VAL A 2 18.95 0.45 0.08
C VAL A 2 18.16 -0.84 0.21
N GLN A 3 18.85 -1.98 0.12
CA GLN A 3 18.23 -3.29 0.22
C GLN A 3 19.17 -4.22 0.95
N LEU A 4 18.62 -4.98 1.91
CA LEU A 4 19.37 -5.93 2.72
C LEU A 4 18.75 -7.31 2.52
N GLN A 5 19.54 -8.22 1.93
CA GLN A 5 19.06 -9.56 1.59
C GLN A 5 19.75 -10.57 2.50
N GLN A 6 18.97 -11.25 3.33
CA GLN A 6 19.49 -12.23 4.25
C GLN A 6 19.38 -13.64 3.67
N SER A 7 20.13 -14.57 4.26
CA SER A 7 20.18 -15.94 3.78
C SER A 7 18.93 -16.70 4.23
N GLY A 8 18.82 -17.95 3.77
CA GLY A 8 17.63 -18.73 3.99
C GLY A 8 17.58 -19.38 5.36
N PRO A 9 16.46 -20.04 5.65
CA PRO A 9 16.28 -20.63 6.98
C PRO A 9 17.19 -21.82 7.21
N GLU A 10 17.60 -21.98 8.47
CA GLU A 10 18.58 -22.99 8.86
C GLU A 10 17.99 -23.95 9.88
N LEU A 11 18.48 -25.18 9.84
CA LEU A 11 18.20 -26.18 10.87
C LEU A 11 19.52 -26.82 11.28
N VAL A 12 19.86 -26.69 12.56
CA VAL A 12 21.15 -27.12 13.07
C VAL A 12 20.95 -27.84 14.40
N LYS A 13 21.95 -28.63 14.79
CA LYS A 13 21.85 -29.47 15.97
C LYS A 13 22.38 -28.75 17.21
N LEU A 14 22.05 -29.30 18.37
CA LEU A 14 22.50 -28.75 19.63
C LEU A 14 24.03 -28.81 19.71
N GLY A 15 24.64 -27.71 20.15
CA GLY A 15 26.07 -27.63 20.29
C GLY A 15 26.82 -27.28 19.02
N ALA A 16 26.15 -27.29 17.86
CA ALA A 16 26.81 -26.97 16.60
C ALA A 16 26.88 -25.46 16.44
N SER A 17 27.33 -25.01 15.27
CA SER A 17 27.37 -23.60 14.93
C SER A 17 26.53 -23.33 13.70
N VAL A 18 26.25 -22.05 13.47
CA VAL A 18 25.49 -21.61 12.31
C VAL A 18 26.01 -20.24 11.91
N ARG A 19 26.00 -19.96 10.61
CA ARG A 19 26.44 -18.68 10.09
C ARG A 19 25.44 -18.21 9.05
N ILE A 20 24.87 -17.02 9.27
CA ILE A 20 23.89 -16.44 8.37
C ILE A 20 24.48 -15.16 7.80
N SER A 21 23.98 -14.77 6.63
CA SER A 21 24.58 -13.70 5.85
C SER A 21 23.56 -12.60 5.58
N CYS A 22 24.08 -11.42 5.22
CA CYS A 22 23.26 -10.24 4.97
C CYS A 22 23.96 -9.44 3.87
N LYS A 23 23.42 -9.49 2.66
CA LYS A 23 24.02 -8.84 1.50
C LYS A 23 23.39 -7.46 1.31
N ALA A 24 24.23 -6.42 1.32
CA ALA A 24 23.78 -5.04 1.29
C ALA A 24 24.04 -4.41 -0.07
N SER A 25 23.17 -3.47 -0.43
CA SER A 25 23.32 -2.74 -1.69
C SER A 25 22.58 -1.42 -1.57
N GLY A 26 22.95 -0.48 -2.44
CA GLY A 26 22.31 0.82 -2.48
C GLY A 26 23.01 1.91 -1.70
N TYR A 27 24.15 1.61 -1.05
CA TYR A 27 24.89 2.61 -0.32
C TYR A 27 26.34 2.16 -0.21
N ARG A 28 27.21 3.10 0.16
CA ARG A 28 28.62 2.76 0.39
C ARG A 28 28.72 1.77 1.53
N PHE A 29 29.05 0.52 1.21
CA PHE A 29 28.84 -0.59 2.14
C PHE A 29 29.71 -0.45 3.39
N SER A 30 30.93 0.05 3.25
CA SER A 30 31.92 -0.07 4.31
C SER A 30 31.87 1.09 5.31
N TYR A 31 30.91 2.00 5.19
CA TYR A 31 30.86 3.18 6.05
C TYR A 31 29.52 3.32 6.75
N SER A 32 28.90 2.20 7.11
CA SER A 32 27.68 2.19 7.90
C SER A 32 27.68 0.96 8.77
N TRP A 33 27.42 1.14 10.06
CA TRP A 33 27.32 0.01 10.97
C TRP A 33 26.22 -0.95 10.52
N MET A 34 26.46 -2.24 10.71
CA MET A 34 25.47 -3.28 10.45
C MET A 34 25.18 -3.98 11.77
N ASN A 35 23.91 -3.94 12.19
CA ASN A 35 23.49 -4.53 13.45
C ASN A 35 22.81 -5.87 13.21
N TRP A 36 22.68 -6.64 14.29
CA TRP A 36 21.96 -7.91 14.28
C TRP A 36 21.00 -7.94 15.46
N VAL A 37 19.76 -8.37 15.20
CA VAL A 37 18.71 -8.37 16.21
C VAL A 37 18.10 -9.76 16.28
N LYS A 38 17.86 -10.23 17.50
CA LYS A 38 17.26 -11.53 17.76
C LYS A 38 15.80 -11.37 18.14
N GLN A 39 14.96 -12.27 17.66
CA GLN A 39 13.53 -12.28 18.03
C GLN A 39 13.07 -13.73 18.12
N ARG A 40 12.95 -14.24 19.34
CA ARG A 40 12.42 -15.57 19.55
C ARG A 40 10.92 -15.59 19.26
N PRO A 41 10.36 -16.77 18.96
CA PRO A 41 8.94 -16.85 18.62
C PRO A 41 8.04 -16.19 19.65
N GLY A 42 7.26 -15.20 19.23
CA GLY A 42 6.33 -14.52 20.11
C GLY A 42 6.95 -13.59 21.13
N LYS A 43 8.27 -13.38 21.08
CA LYS A 43 8.97 -12.53 22.04
C LYS A 43 9.31 -11.19 21.40
N GLY A 44 10.03 -10.37 22.16
CA GLY A 44 10.42 -9.04 21.71
C GLY A 44 11.73 -9.06 20.94
N LEU A 45 12.23 -7.86 20.68
CA LEU A 45 13.48 -7.68 19.96
C LEU A 45 14.64 -7.59 20.95
N GLU A 46 15.78 -8.15 20.55
CA GLU A 46 16.95 -8.23 21.42
C GLU A 46 18.19 -7.94 20.59
N TRP A 47 18.96 -6.94 21.00
CA TRP A 47 20.12 -6.49 20.23
C TRP A 47 21.33 -7.36 20.55
N ILE A 48 22.00 -7.84 19.51
CA ILE A 48 23.14 -8.75 19.65
C ILE A 48 24.44 -7.96 19.58
N GLY A 49 24.66 -7.28 18.46
CA GLY A 49 25.90 -6.56 18.25
C GLY A 49 25.87 -5.86 16.91
N ARG A 50 26.97 -5.16 16.61
CA ARG A 50 27.10 -4.46 15.34
C ARG A 50 28.55 -4.45 14.91
N ILE A 51 28.76 -4.25 13.61
CA ILE A 51 30.08 -4.28 13.00
C ILE A 51 30.20 -3.15 12.00
N TYR A 52 31.40 -2.58 11.90
CA TYR A 52 31.71 -1.51 10.95
C TYR A 52 32.62 -2.10 9.86
N PRO A 53 32.09 -2.43 8.67
CA PRO A 53 32.90 -3.15 7.69
C PRO A 53 34.12 -2.37 7.19
N GLY A 54 34.19 -1.06 7.44
CA GLY A 54 35.35 -0.30 7.00
C GLY A 54 36.65 -0.82 7.59
N ASP A 55 36.66 -1.07 8.89
CA ASP A 55 37.85 -1.55 9.59
C ASP A 55 37.56 -2.77 10.46
N GLY A 56 36.39 -3.38 10.31
CA GLY A 56 36.06 -4.57 11.09
C GLY A 56 35.78 -4.32 12.55
N ASP A 57 35.67 -3.06 12.97
CA ASP A 57 35.34 -2.77 14.36
C ASP A 57 34.01 -3.42 14.72
N THR A 58 33.96 -4.00 15.92
CA THR A 58 32.77 -4.72 16.37
C THR A 58 32.45 -4.34 17.80
N LYS A 59 31.16 -4.35 18.12
CA LYS A 59 30.68 -4.10 19.48
C LYS A 59 29.60 -5.12 19.78
N TYR A 60 29.77 -5.86 20.87
CA TYR A 60 28.87 -6.95 21.23
C TYR A 60 28.12 -6.63 22.51
N SER A 61 26.84 -7.01 22.55
CA SER A 61 26.12 -7.03 23.81
C SER A 61 26.80 -8.00 24.77
N GLY A 62 26.86 -7.62 26.04
CA GLY A 62 27.47 -8.50 27.03
C GLY A 62 26.87 -9.89 27.01
N LYS A 63 25.55 -9.98 26.81
CA LYS A 63 24.88 -11.27 26.82
C LYS A 63 25.31 -12.16 25.67
N PHE A 64 25.80 -11.60 24.57
CA PHE A 64 26.16 -12.36 23.39
C PHE A 64 27.67 -12.38 23.14
N LYS A 65 28.48 -11.83 24.03
CA LYS A 65 29.92 -11.88 23.88
C LYS A 65 30.39 -13.31 24.07
N GLY A 66 31.04 -13.88 23.06
CA GLY A 66 31.52 -15.23 23.08
C GLY A 66 30.67 -16.21 22.30
N LYS A 67 29.38 -15.91 22.13
CA LYS A 67 28.51 -16.74 21.30
C LYS A 67 28.40 -16.22 19.88
N ALA A 68 28.32 -14.90 19.72
CA ALA A 68 28.16 -14.28 18.41
C ALA A 68 29.51 -13.78 17.90
N THR A 69 29.75 -13.99 16.60
CA THR A 69 30.95 -13.51 15.95
C THR A 69 30.55 -12.86 14.62
N LEU A 70 30.77 -11.55 14.52
CA LEU A 70 30.41 -10.79 13.33
C LEU A 70 31.63 -10.57 12.46
N THR A 71 31.50 -10.87 11.17
CA THR A 71 32.53 -10.59 10.19
C THR A 71 31.89 -9.91 8.98
N ALA A 72 32.70 -9.19 8.23
CA ALA A 72 32.24 -8.48 7.05
C ALA A 72 33.20 -8.69 5.91
N ASP A 73 32.66 -8.84 4.70
CA ASP A 73 33.45 -9.00 3.49
C ASP A 73 33.07 -7.89 2.52
N LYS A 74 34.05 -7.05 2.19
CA LYS A 74 33.77 -5.87 1.38
C LYS A 74 33.61 -6.22 -0.10
N SER A 75 34.30 -7.24 -0.58
CA SER A 75 34.19 -7.63 -1.98
C SER A 75 32.75 -8.01 -2.33
N SER A 76 32.08 -8.73 -1.44
CA SER A 76 30.72 -9.20 -1.67
C SER A 76 29.67 -8.34 -0.98
N SER A 77 30.09 -7.27 -0.29
CA SER A 77 29.16 -6.39 0.43
C SER A 77 28.23 -7.21 1.33
N THR A 78 28.81 -8.18 2.03
CA THR A 78 28.05 -9.10 2.87
C THR A 78 28.56 -9.09 4.30
N VAL A 79 27.63 -9.05 5.24
CA VAL A 79 27.94 -9.16 6.67
C VAL A 79 27.45 -10.52 7.15
N TYR A 80 28.22 -11.14 8.02
CA TYR A 80 27.91 -12.47 8.55
C TYR A 80 27.82 -12.42 10.06
N MET A 81 27.05 -13.34 10.63
CA MET A 81 27.02 -13.57 12.07
C MET A 81 27.09 -15.07 12.31
N GLN A 82 28.03 -15.48 13.14
CA GLN A 82 28.17 -16.88 13.53
C GLN A 82 27.76 -17.05 14.99
N LEU A 83 26.90 -18.03 15.24
CA LEU A 83 26.50 -18.41 16.59
C LEU A 83 27.04 -19.80 16.89
N SER A 84 27.77 -19.92 18.00
CA SER A 84 28.41 -21.17 18.38
C SER A 84 27.71 -21.76 19.59
N SER A 85 28.04 -23.03 19.87
CA SER A 85 27.48 -23.77 20.99
C SER A 85 25.97 -23.53 21.09
N LEU A 86 25.28 -23.89 20.00
CA LEU A 86 23.87 -23.57 19.87
C LEU A 86 23.03 -24.39 20.85
N THR A 87 21.99 -23.74 21.38
CA THR A 87 21.03 -24.37 22.26
C THR A 87 19.64 -24.05 21.74
N SER A 88 18.64 -24.70 22.33
CA SER A 88 17.25 -24.42 21.96
C SER A 88 16.93 -22.94 22.15
N GLU A 89 17.54 -22.30 23.16
CA GLU A 89 17.30 -20.88 23.38
C GLU A 89 17.68 -20.05 22.16
N ASP A 90 18.64 -20.51 21.37
CA ASP A 90 19.10 -19.77 20.20
C ASP A 90 18.14 -19.88 19.02
N SER A 91 17.16 -20.78 19.07
CA SER A 91 16.15 -20.84 18.02
C SER A 91 15.38 -19.53 17.98
N ALA A 92 15.39 -18.88 16.81
CA ALA A 92 14.74 -17.59 16.66
C ALA A 92 14.89 -17.07 15.24
N VAL A 93 14.29 -15.91 14.96
CA VAL A 93 14.50 -15.18 13.72
C VAL A 93 15.53 -14.10 14.00
N TYR A 94 16.50 -13.94 13.10
CA TYR A 94 17.58 -12.97 13.25
C TYR A 94 17.52 -11.98 12.09
N PHE A 95 17.53 -10.69 12.43
CA PHE A 95 17.51 -9.62 11.44
C PHE A 95 18.87 -8.94 11.39
N CYS A 96 19.21 -8.42 10.22
CA CYS A 96 20.29 -7.45 10.07
C CYS A 96 19.68 -6.09 9.75
N ALA A 97 20.35 -5.02 10.18
CA ALA A 97 19.81 -3.69 9.96
C ALA A 97 20.93 -2.66 9.98
N ARG A 98 20.90 -1.77 9.00
CA ARG A 98 21.90 -0.69 8.89
C ARG A 98 21.53 0.46 9.82
N SER A 99 22.54 1.02 10.48
CA SER A 99 22.37 2.19 11.33
C SER A 99 22.57 3.46 10.52
N ALA A 100 21.87 4.52 10.93
CA ALA A 100 21.99 5.83 10.30
C ALA A 100 23.05 6.66 11.03
N TYR A 101 23.12 7.94 10.70
CA TYR A 101 24.11 8.84 11.28
C TYR A 101 23.72 9.21 12.72
N GLY A 102 24.59 9.99 13.37
CA GLY A 102 24.30 10.45 14.71
C GLY A 102 23.17 11.47 14.76
N SER A 103 23.12 12.37 13.78
CA SER A 103 22.02 13.32 13.70
C SER A 103 20.68 12.62 13.53
N GLU A 104 20.68 11.34 13.18
CA GLU A 104 19.46 10.54 13.06
C GLU A 104 19.33 9.53 14.19
N GLY A 105 20.02 9.76 15.31
CA GLY A 105 19.93 8.87 16.46
C GLY A 105 20.49 7.48 16.24
N PHE A 106 21.36 7.30 15.24
CA PHE A 106 21.91 5.98 14.93
C PHE A 106 20.79 4.96 14.70
N ALA A 107 19.65 5.44 14.22
CA ALA A 107 18.48 4.58 14.05
C ALA A 107 18.73 3.53 12.98
N MET A 108 18.24 2.32 13.24
CA MET A 108 18.32 1.24 12.25
C MET A 108 17.22 1.48 11.22
N ASP A 109 17.61 2.05 10.08
CA ASP A 109 16.63 2.54 9.12
C ASP A 109 16.24 1.49 8.08
N TYR A 110 17.14 0.58 7.73
CA TYR A 110 16.85 -0.46 6.74
C TYR A 110 17.13 -1.82 7.35
N TRP A 111 16.18 -2.75 7.16
CA TRP A 111 16.24 -4.07 7.76
C TRP A 111 16.18 -5.14 6.68
N GLY A 112 16.84 -6.26 6.94
CA GLY A 112 16.64 -7.45 6.14
C GLY A 112 15.33 -8.13 6.49
N GLN A 113 14.97 -9.14 5.70
CA GLN A 113 13.71 -9.84 5.89
C GLN A 113 13.75 -10.82 7.06
N GLY A 114 14.91 -11.06 7.64
CA GLY A 114 15.03 -12.02 8.73
C GLY A 114 15.37 -13.41 8.24
N THR A 115 16.07 -14.15 9.09
CA THR A 115 16.44 -15.54 8.81
C THR A 115 16.01 -16.41 9.97
N SER A 116 15.17 -17.40 9.69
CA SER A 116 14.70 -18.32 10.72
C SER A 116 15.77 -19.37 11.00
N VAL A 117 16.12 -19.52 12.27
CA VAL A 117 17.11 -20.51 12.70
C VAL A 117 16.46 -21.39 13.76
N THR A 118 16.39 -22.69 13.47
CA THR A 118 15.85 -23.67 14.40
C THR A 118 16.99 -24.57 14.86
N VAL A 119 17.21 -24.62 16.17
CA VAL A 119 18.22 -25.48 16.78
C VAL A 119 17.50 -26.67 17.41
N SER A 120 17.76 -27.87 16.90
CA SER A 120 17.05 -29.06 17.35
C SER A 120 17.80 -30.29 16.86
N SER A 121 17.56 -31.41 17.54
CA SER A 121 18.08 -32.70 17.11
C SER A 121 17.17 -33.39 16.11
N ALA A 122 15.93 -32.93 15.96
CA ALA A 122 15.01 -33.53 15.02
C ALA A 122 15.39 -33.17 13.58
N LYS A 123 14.94 -34.00 12.65
CA LYS A 123 15.28 -33.87 11.24
C LYS A 123 14.11 -33.28 10.45
N THR A 124 14.42 -32.90 9.21
CA THR A 124 13.43 -32.27 8.35
C THR A 124 12.35 -33.27 7.93
N THR A 125 11.11 -32.79 7.90
CA THR A 125 9.97 -33.59 7.45
C THR A 125 9.11 -32.72 6.56
N ALA A 126 8.93 -33.14 5.31
CA ALA A 126 8.10 -32.37 4.39
C ALA A 126 6.64 -32.40 4.84
N PRO A 127 5.88 -31.33 4.55
CA PRO A 127 4.47 -31.32 4.95
C PRO A 127 3.61 -32.21 4.05
N SER A 128 2.50 -32.66 4.61
CA SER A 128 1.42 -33.25 3.85
C SER A 128 0.37 -32.18 3.62
N VAL A 129 0.05 -31.92 2.36
CA VAL A 129 -0.81 -30.80 1.98
C VAL A 129 -2.12 -31.37 1.48
N PHE A 130 -3.20 -31.09 2.22
CA PHE A 130 -4.52 -31.63 1.89
C PHE A 130 -5.47 -30.50 1.54
N PRO A 131 -6.12 -30.53 0.38
CA PRO A 131 -7.15 -29.53 0.08
C PRO A 131 -8.44 -29.84 0.82
N LEU A 132 -9.13 -28.79 1.24
CA LEU A 132 -10.37 -28.92 2.00
C LEU A 132 -11.50 -28.31 1.19
N ALA A 133 -12.28 -29.18 0.52
CA ALA A 133 -13.45 -28.74 -0.23
C ALA A 133 -14.68 -28.73 0.67
N PRO A 134 -15.65 -27.86 0.41
CA PRO A 134 -16.79 -27.72 1.34
C PRO A 134 -17.65 -28.97 1.36
N VAL A 135 -18.57 -28.99 2.32
CA VAL A 135 -19.54 -30.07 2.39
C VAL A 135 -20.67 -29.82 1.40
N CYS A 136 -21.46 -30.86 1.14
CA CYS A 136 -22.62 -30.72 0.27
C CYS A 136 -23.73 -29.92 0.92
N GLY A 137 -23.80 -29.90 2.25
CA GLY A 137 -24.86 -29.23 2.96
C GLY A 137 -24.56 -27.79 3.30
N ASP A 138 -24.09 -27.02 2.32
CA ASP A 138 -23.89 -25.59 2.48
C ASP A 138 -24.76 -24.76 1.55
N THR A 139 -25.44 -25.36 0.58
CA THR A 139 -26.20 -24.64 -0.44
C THR A 139 -25.34 -23.63 -1.18
N THR A 140 -24.01 -23.79 -1.12
CA THR A 140 -23.09 -22.81 -1.68
C THR A 140 -23.28 -21.47 -0.99
N GLY A 141 -24.47 -20.89 -1.10
CA GLY A 141 -24.80 -19.66 -0.40
C GLY A 141 -24.34 -18.43 -1.16
N SER A 142 -24.24 -17.32 -0.42
CA SER A 142 -23.70 -16.10 -1.02
C SER A 142 -22.21 -16.24 -1.28
N SER A 143 -21.48 -16.86 -0.35
CA SER A 143 -20.06 -17.10 -0.50
C SER A 143 -19.76 -18.54 -0.10
N VAL A 144 -18.53 -18.96 -0.38
CA VAL A 144 -18.06 -20.31 -0.07
C VAL A 144 -16.64 -20.20 0.47
N THR A 145 -16.33 -21.02 1.47
CA THR A 145 -15.02 -21.03 2.11
C THR A 145 -14.30 -22.33 1.76
N LEU A 146 -13.08 -22.21 1.24
CA LEU A 146 -12.24 -23.34 0.91
C LEU A 146 -11.03 -23.36 1.84
N GLY A 147 -10.51 -24.56 2.09
CA GLY A 147 -9.43 -24.73 3.05
C GLY A 147 -8.25 -25.48 2.44
N CYS A 148 -7.12 -25.37 3.15
CA CYS A 148 -5.88 -26.03 2.77
C CYS A 148 -5.15 -26.37 4.06
N LEU A 149 -4.93 -27.66 4.31
CA LEU A 149 -4.31 -28.13 5.54
C LEU A 149 -2.88 -28.56 5.26
N VAL A 150 -1.95 -28.10 6.10
CA VAL A 150 -0.52 -28.37 5.95
C VAL A 150 -0.08 -29.06 7.23
N LYS A 151 -0.02 -30.39 7.21
CA LYS A 151 0.07 -31.19 8.42
C LYS A 151 1.42 -31.90 8.52
N GLY A 152 1.97 -31.90 9.73
CA GLY A 152 3.09 -32.75 10.09
C GLY A 152 4.42 -32.43 9.43
N TYR A 153 4.89 -31.20 9.56
CA TYR A 153 6.15 -30.79 8.96
C TYR A 153 7.10 -30.21 10.01
N PHE A 154 8.38 -30.23 9.67
CA PHE A 154 9.42 -29.68 10.51
C PHE A 154 10.64 -29.43 9.64
N PRO A 155 11.36 -28.30 9.80
CA PRO A 155 11.08 -27.17 10.70
C PRO A 155 10.30 -26.06 10.02
N GLU A 156 10.13 -24.94 10.72
CA GLU A 156 9.58 -23.75 10.11
C GLU A 156 10.65 -23.11 9.21
N PRO A 157 10.24 -22.26 8.26
CA PRO A 157 8.86 -21.86 7.94
C PRO A 157 8.28 -22.57 6.72
N VAL A 158 7.03 -22.22 6.41
CA VAL A 158 6.40 -22.61 5.15
C VAL A 158 5.72 -21.39 4.59
N THR A 159 5.60 -21.35 3.26
CA THR A 159 4.92 -20.26 2.56
C THR A 159 3.73 -20.85 1.82
N LEU A 160 2.54 -20.35 2.12
CA LEU A 160 1.30 -20.82 1.51
C LEU A 160 0.70 -19.70 0.68
N THR A 161 0.33 -20.04 -0.57
CA THR A 161 -0.33 -19.09 -1.46
C THR A 161 -1.55 -19.75 -2.08
N TRP A 162 -2.44 -18.92 -2.62
CA TRP A 162 -3.62 -19.36 -3.35
C TRP A 162 -3.52 -18.88 -4.78
N ASN A 163 -3.64 -19.80 -5.73
CA ASN A 163 -3.52 -19.48 -7.16
C ASN A 163 -2.23 -18.71 -7.43
N SER A 164 -1.14 -19.20 -6.85
CA SER A 164 0.19 -18.65 -7.09
C SER A 164 0.27 -17.17 -6.71
N GLY A 165 -0.48 -16.76 -5.70
CA GLY A 165 -0.43 -15.41 -5.20
C GLY A 165 -1.48 -14.48 -5.78
N SER A 166 -2.04 -14.78 -6.94
CA SER A 166 -3.03 -13.89 -7.55
C SER A 166 -4.30 -13.80 -6.73
N LEU A 167 -4.60 -14.80 -5.90
CA LEU A 167 -5.79 -14.80 -5.04
C LEU A 167 -5.33 -14.51 -3.63
N SER A 168 -5.47 -13.26 -3.20
CA SER A 168 -5.00 -12.81 -1.90
C SER A 168 -6.10 -12.26 -1.00
N SER A 169 -7.16 -11.71 -1.57
CA SER A 169 -8.28 -11.21 -0.77
C SER A 169 -9.07 -12.36 -0.19
N GLY A 170 -9.64 -12.13 0.99
CA GLY A 170 -10.44 -13.15 1.65
C GLY A 170 -9.66 -14.34 2.14
N VAL A 171 -8.35 -14.19 2.35
CA VAL A 171 -7.48 -15.28 2.77
C VAL A 171 -7.15 -15.12 4.26
N HIS A 172 -7.22 -16.22 4.99
CA HIS A 172 -6.71 -16.29 6.36
C HIS A 172 -5.73 -17.46 6.44
N THR A 173 -4.46 -17.15 6.63
CA THR A 173 -3.43 -18.16 6.87
C THR A 173 -3.06 -18.10 8.34
N PHE A 174 -3.15 -19.23 9.01
CA PHE A 174 -3.07 -19.22 10.46
C PHE A 174 -1.67 -19.58 10.94
N PRO A 175 -1.25 -19.05 12.09
CA PRO A 175 0.07 -19.41 12.62
C PRO A 175 0.20 -20.91 12.81
N ALA A 176 1.41 -21.41 12.58
CA ALA A 176 1.68 -22.83 12.75
C ALA A 176 1.71 -23.20 14.23
N VAL A 177 1.24 -24.41 14.52
CA VAL A 177 1.19 -24.94 15.87
C VAL A 177 2.08 -26.17 15.94
N LEU A 178 2.90 -26.24 16.98
CA LEU A 178 3.76 -27.39 17.20
C LEU A 178 3.04 -28.43 18.03
N GLN A 179 3.14 -29.68 17.63
CA GLN A 179 2.52 -30.78 18.37
C GLN A 179 3.30 -32.05 18.10
N SER A 180 3.85 -32.64 19.17
CA SER A 180 4.57 -33.92 19.07
C SER A 180 5.76 -33.83 18.13
N GLY A 181 6.40 -32.66 18.08
CA GLY A 181 7.59 -32.48 17.26
C GLY A 181 7.34 -32.06 15.83
N LEU A 182 6.08 -31.91 15.42
CA LEU A 182 5.76 -31.52 14.06
C LEU A 182 4.81 -30.32 14.07
N TYR A 183 4.90 -29.51 13.03
CA TYR A 183 4.07 -28.33 12.89
C TYR A 183 2.85 -28.62 12.01
N THR A 184 1.78 -27.86 12.25
CA THR A 184 0.58 -27.92 11.44
C THR A 184 0.03 -26.51 11.33
N LEU A 185 -0.27 -26.07 10.11
CA LEU A 185 -1.02 -24.84 9.89
C LEU A 185 -2.10 -25.08 8.85
N SER A 186 -2.99 -24.10 8.74
CA SER A 186 -4.11 -24.17 7.81
C SER A 186 -4.32 -22.79 7.21
N SER A 187 -5.03 -22.77 6.09
CA SER A 187 -5.37 -21.53 5.41
C SER A 187 -6.76 -21.67 4.80
N SER A 188 -7.56 -20.61 4.92
CA SER A 188 -8.89 -20.57 4.33
C SER A 188 -8.96 -19.44 3.31
N VAL A 189 -9.80 -19.61 2.31
CA VAL A 189 -10.05 -18.58 1.31
C VAL A 189 -11.54 -18.54 1.03
N THR A 190 -12.13 -17.34 1.06
CA THR A 190 -13.55 -17.14 0.86
C THR A 190 -13.78 -16.40 -0.45
N VAL A 191 -14.71 -16.90 -1.26
CA VAL A 191 -14.98 -16.35 -2.58
C VAL A 191 -16.49 -16.34 -2.82
N THR A 192 -16.89 -15.74 -3.94
CA THR A 192 -18.28 -15.74 -4.34
C THR A 192 -18.73 -17.13 -4.75
N SER A 193 -20.01 -17.43 -4.49
CA SER A 193 -20.55 -18.75 -4.80
C SER A 193 -20.33 -19.12 -6.26
N SER A 194 -20.62 -18.18 -7.17
CA SER A 194 -20.48 -18.45 -8.60
C SER A 194 -19.02 -18.53 -9.04
N THR A 195 -18.06 -18.21 -8.17
CA THR A 195 -16.65 -18.29 -8.55
C THR A 195 -16.18 -19.74 -8.63
N TRP A 196 -16.58 -20.56 -7.66
CA TRP A 196 -16.09 -21.91 -7.54
C TRP A 196 -17.25 -22.91 -7.66
N PRO A 197 -17.07 -24.04 -8.36
CA PRO A 197 -15.86 -24.55 -9.02
C PRO A 197 -15.68 -24.13 -10.48
N SER A 198 -16.47 -23.16 -10.97
CA SER A 198 -16.30 -22.71 -12.34
C SER A 198 -14.91 -22.16 -12.58
N GLN A 199 -14.35 -21.45 -11.60
CA GLN A 199 -13.00 -20.93 -11.68
C GLN A 199 -12.09 -21.77 -10.79
N SER A 200 -10.92 -22.13 -11.32
CA SER A 200 -10.02 -23.01 -10.61
C SER A 200 -9.42 -22.32 -9.39
N ILE A 201 -9.31 -23.06 -8.30
CA ILE A 201 -8.68 -22.59 -7.07
C ILE A 201 -7.69 -23.66 -6.60
N THR A 202 -6.47 -23.25 -6.29
CA THR A 202 -5.39 -24.16 -5.92
C THR A 202 -4.54 -23.49 -4.86
N CYS A 203 -4.22 -24.21 -3.78
CA CYS A 203 -3.29 -23.71 -2.79
C CYS A 203 -1.89 -24.27 -3.09
N ASN A 204 -0.89 -23.43 -2.88
CA ASN A 204 0.51 -23.77 -3.10
C ASN A 204 1.25 -23.67 -1.78
N VAL A 205 2.05 -24.69 -1.46
CA VAL A 205 2.76 -24.74 -0.18
C VAL A 205 4.23 -25.00 -0.47
N ALA A 206 5.09 -24.07 -0.03
CA ALA A 206 6.53 -24.20 -0.18
C ALA A 206 7.16 -24.46 1.17
N HIS A 207 8.01 -25.48 1.24
CA HIS A 207 8.73 -25.84 2.47
C HIS A 207 10.22 -25.86 2.13
N PRO A 208 10.92 -24.74 2.32
CA PRO A 208 12.33 -24.68 1.88
C PRO A 208 13.19 -25.79 2.46
N ALA A 209 12.97 -26.17 3.72
CA ALA A 209 13.82 -27.17 4.35
C ALA A 209 13.84 -28.47 3.57
N SER A 210 12.71 -28.84 2.97
CA SER A 210 12.63 -30.05 2.14
C SER A 210 12.60 -29.73 0.66
N SER A 211 12.79 -28.46 0.27
CA SER A 211 12.87 -28.08 -1.14
C SER A 211 11.66 -28.54 -1.93
N THR A 212 10.49 -28.44 -1.31
CA THR A 212 9.24 -28.86 -1.93
C THR A 212 8.36 -27.66 -2.23
N LYS A 213 7.67 -27.72 -3.37
CA LYS A 213 6.65 -26.75 -3.73
C LYS A 213 5.47 -27.56 -4.28
N VAL A 214 4.42 -27.69 -3.47
CA VAL A 214 3.30 -28.58 -3.77
C VAL A 214 2.10 -27.73 -4.15
N ASP A 215 1.36 -28.20 -5.15
CA ASP A 215 0.07 -27.61 -5.54
C ASP A 215 -1.02 -28.64 -5.33
N LYS A 216 -2.14 -28.21 -4.76
CA LYS A 216 -3.28 -29.09 -4.52
C LYS A 216 -4.54 -28.35 -4.94
N LYS A 217 -5.16 -28.79 -6.03
CA LYS A 217 -6.35 -28.14 -6.55
C LYS A 217 -7.58 -28.52 -5.75
N LEU A 218 -8.47 -27.54 -5.56
CA LEU A 218 -9.71 -27.74 -4.82
C LEU A 218 -10.77 -28.26 -5.79
N VAL A 219 -11.20 -29.50 -5.59
CA VAL A 219 -12.25 -30.10 -6.41
C VAL A 219 -13.43 -30.43 -5.50
N PRO A 220 -14.68 -30.25 -5.96
CA PRO A 220 -15.82 -30.55 -5.10
C PRO A 220 -15.82 -32.01 -4.65
N ARG A 221 -16.50 -32.25 -3.52
CA ARG A 221 -16.62 -33.60 -2.99
C ARG A 221 -17.69 -34.35 -3.76
N GLY A 222 -17.30 -35.44 -4.42
CA GLY A 222 -18.22 -36.25 -5.19
C GLY A 222 -17.76 -36.42 -6.63
N ASP B 1 23.89 -2.29 30.88
CA ASP B 1 23.17 -1.66 29.77
C ASP B 1 22.15 -0.65 30.29
N ILE B 2 21.80 0.32 29.46
CA ILE B 2 20.68 1.20 29.75
C ILE B 2 19.39 0.41 29.50
N VAL B 3 18.59 0.24 30.55
CA VAL B 3 17.36 -0.54 30.47
C VAL B 3 16.21 0.36 30.07
N LEU B 4 15.40 -0.11 29.13
CA LEU B 4 14.21 0.61 28.69
C LEU B 4 12.97 -0.19 29.08
N THR B 5 12.05 0.48 29.78
CA THR B 5 10.81 -0.14 30.23
C THR B 5 9.64 0.63 29.63
N GLN B 6 8.77 -0.07 28.91
CA GLN B 6 7.63 0.53 28.26
C GLN B 6 6.36 0.31 29.07
N SER B 7 5.40 1.22 28.89
CA SER B 7 4.12 1.14 29.55
C SER B 7 3.08 1.74 28.61
N PRO B 8 1.92 1.08 28.40
CA PRO B 8 1.55 -0.23 28.95
C PRO B 8 2.13 -1.37 28.12
N ALA B 9 1.96 -2.61 28.59
CA ALA B 9 2.40 -3.76 27.80
C ALA B 9 1.46 -3.99 26.62
N SER B 10 0.16 -3.74 26.79
CA SER B 10 -0.81 -3.91 25.72
C SER B 10 -1.88 -2.84 25.85
N LEU B 11 -2.49 -2.48 24.72
CA LEU B 11 -3.42 -1.37 24.66
C LEU B 11 -4.44 -1.60 23.56
N ALA B 12 -5.69 -1.25 23.83
CA ALA B 12 -6.77 -1.31 22.86
C ALA B 12 -7.39 0.07 22.72
N VAL B 13 -7.51 0.54 21.47
CA VAL B 13 -7.94 1.90 21.18
C VAL B 13 -8.99 1.86 20.09
N SER B 14 -10.00 2.73 20.21
CA SER B 14 -11.01 2.86 19.17
C SER B 14 -10.46 3.65 18.00
N LEU B 15 -11.01 3.39 16.81
CA LEU B 15 -10.57 4.10 15.61
C LEU B 15 -10.70 5.60 15.80
N GLY B 16 -9.71 6.33 15.30
CA GLY B 16 -9.72 7.77 15.37
C GLY B 16 -9.29 8.36 16.70
N GLN B 17 -9.09 7.53 17.72
CA GLN B 17 -8.70 8.02 19.03
C GLN B 17 -7.18 8.02 19.17
N ARG B 18 -6.70 8.52 20.31
CA ARG B 18 -5.28 8.68 20.56
C ARG B 18 -4.75 7.47 21.32
N ALA B 19 -3.62 6.95 20.89
CA ALA B 19 -2.87 5.93 21.62
C ALA B 19 -1.59 6.54 22.14
N THR B 20 -1.30 6.33 23.42
CA THR B 20 -0.13 6.91 24.07
C THR B 20 0.70 5.80 24.69
N ILE B 21 1.94 5.66 24.23
CA ILE B 21 2.90 4.72 24.77
C ILE B 21 4.03 5.51 25.43
N SER B 22 4.56 4.99 26.52
CA SER B 22 5.66 5.64 27.24
C SER B 22 6.85 4.70 27.31
N CYS B 23 8.03 5.30 27.42
CA CYS B 23 9.30 4.58 27.50
C CYS B 23 10.17 5.28 28.52
N ARG B 24 10.65 4.53 29.51
CA ARG B 24 11.45 5.08 30.60
C ARG B 24 12.82 4.43 30.57
N ALA B 25 13.86 5.27 30.50
CA ALA B 25 15.24 4.80 30.45
C ALA B 25 15.90 4.98 31.81
N SER B 26 16.66 3.97 32.23
CA SER B 26 17.33 4.01 33.53
C SER B 26 18.47 5.04 33.56
N GLU B 27 18.89 5.54 32.42
CA GLU B 27 19.92 6.57 32.35
C GLU B 27 19.55 7.55 31.25
N SER B 28 20.14 8.74 31.32
CA SER B 28 19.89 9.75 30.29
C SER B 28 20.29 9.20 28.92
N VAL B 29 19.39 9.39 27.95
CA VAL B 29 19.65 8.98 26.57
C VAL B 29 20.18 10.13 25.73
N ASP B 30 20.15 11.35 26.23
CA ASP B 30 20.57 12.52 25.46
C ASP B 30 22.09 12.62 25.42
N ASN B 31 22.57 13.34 24.40
CA ASN B 31 23.98 13.67 24.30
C ASN B 31 24.21 14.72 23.22
N TYR B 32 24.68 15.90 23.61
CA TYR B 32 25.00 16.98 22.68
C TYR B 32 23.77 17.41 21.90
N GLY B 33 22.68 17.67 22.63
CA GLY B 33 21.46 18.17 22.02
C GLY B 33 20.69 17.16 21.20
N ILE B 34 21.01 15.88 21.28
CA ILE B 34 20.32 14.84 20.55
C ILE B 34 19.86 13.77 21.53
N SER B 35 18.62 13.32 21.37
CA SER B 35 18.10 12.19 22.13
C SER B 35 18.29 10.93 21.28
N PHE B 36 19.13 10.01 21.76
CA PHE B 36 19.39 8.77 21.05
C PHE B 36 18.35 7.71 21.44
N LEU B 37 17.09 8.06 21.18
CA LEU B 37 15.95 7.21 21.46
C LEU B 37 15.12 7.10 20.18
N ASN B 38 14.85 5.87 19.76
CA ASN B 38 14.14 5.63 18.51
C ASN B 38 12.94 4.73 18.77
N TRP B 39 11.92 4.87 17.93
CA TRP B 39 10.72 4.05 17.99
C TRP B 39 10.60 3.18 16.75
N PHE B 40 10.22 1.93 16.95
CA PHE B 40 10.03 0.97 15.87
C PHE B 40 8.62 0.40 15.92
N GLN B 41 8.10 0.09 14.74
CA GLN B 41 6.79 -0.53 14.57
C GLN B 41 6.98 -1.88 13.87
N GLN B 42 6.44 -2.93 14.46
CA GLN B 42 6.52 -4.27 13.89
C GLN B 42 5.13 -4.85 13.76
N LYS B 43 4.75 -5.21 12.53
CA LYS B 43 3.52 -5.90 12.25
C LYS B 43 3.78 -7.37 12.02
N PRO B 44 2.78 -8.24 12.24
CA PRO B 44 3.05 -9.69 12.19
C PRO B 44 3.68 -10.12 10.88
N GLY B 45 4.66 -11.01 10.98
CA GLY B 45 5.34 -11.56 9.82
C GLY B 45 6.37 -10.65 9.19
N GLN B 46 6.45 -9.39 9.60
CA GLN B 46 7.32 -8.41 8.97
C GLN B 46 8.49 -8.05 9.87
N PRO B 47 9.59 -7.56 9.31
CA PRO B 47 10.66 -7.01 10.14
C PRO B 47 10.20 -5.74 10.82
N PRO B 48 10.85 -5.34 11.91
CA PRO B 48 10.56 -4.03 12.50
C PRO B 48 10.76 -2.93 11.47
N LYS B 49 10.04 -1.83 11.67
CA LYS B 49 10.11 -0.67 10.79
C LYS B 49 10.41 0.57 11.61
N LEU B 50 11.43 1.32 11.21
CA LEU B 50 11.74 2.58 11.86
C LEU B 50 10.54 3.52 11.76
N LEU B 51 10.05 3.97 12.90
CA LEU B 51 8.89 4.86 12.97
C LEU B 51 9.29 6.28 13.33
N ILE B 52 10.02 6.45 14.43
CA ILE B 52 10.53 7.74 14.88
C ILE B 52 12.01 7.58 15.17
N TYR B 53 12.81 8.55 14.75
CA TYR B 53 14.23 8.56 15.08
C TYR B 53 14.57 9.85 15.81
N ALA B 54 15.57 9.76 16.69
CA ALA B 54 16.00 10.89 17.50
C ALA B 54 14.83 11.51 18.26
N ALA B 55 13.93 10.65 18.74
CA ALA B 55 12.87 11.03 19.68
C ALA B 55 11.67 11.69 19.00
N SER B 56 11.90 12.60 18.04
CA SER B 56 10.80 13.42 17.54
C SER B 56 10.83 13.61 16.03
N ASN B 57 11.56 12.78 15.29
CA ASN B 57 11.67 12.93 13.85
C ASN B 57 10.97 11.76 13.15
N GLN B 58 10.24 12.08 12.09
CA GLN B 58 9.48 11.07 11.36
C GLN B 58 10.41 10.22 10.52
N GLY B 59 10.20 8.91 10.55
CA GLY B 59 10.92 8.02 9.67
C GLY B 59 10.50 8.19 8.22
N SER B 60 11.25 7.54 7.34
CA SER B 60 10.96 7.60 5.91
C SER B 60 9.54 7.15 5.63
N GLY B 61 8.70 8.08 5.18
CA GLY B 61 7.32 7.75 4.83
C GLY B 61 6.42 7.50 6.02
N VAL B 62 6.72 8.09 7.17
CA VAL B 62 5.92 7.92 8.37
C VAL B 62 5.00 9.13 8.50
N PRO B 63 3.67 8.97 8.39
CA PRO B 63 2.78 10.13 8.47
C PRO B 63 2.87 10.83 9.82
N ALA B 64 2.34 12.05 9.85
CA ALA B 64 2.45 12.90 11.03
C ALA B 64 1.61 12.39 12.20
N ARG B 65 0.61 11.54 11.95
CA ARG B 65 -0.21 11.04 13.04
C ARG B 65 0.62 10.28 14.08
N PHE B 66 1.80 9.79 13.69
CA PHE B 66 2.77 9.25 14.63
C PHE B 66 3.65 10.39 15.13
N SER B 67 3.66 10.60 16.44
CA SER B 67 4.36 11.74 17.03
C SER B 67 5.16 11.26 18.23
N GLY B 68 6.48 11.48 18.20
CA GLY B 68 7.36 11.15 19.30
C GLY B 68 7.78 12.41 20.04
N SER B 69 8.04 12.27 21.33
CA SER B 69 8.42 13.41 22.15
C SER B 69 9.12 12.91 23.41
N GLY B 70 9.69 13.86 24.14
CA GLY B 70 10.38 13.57 25.39
C GLY B 70 11.87 13.82 25.28
N SER B 71 12.54 13.67 26.42
CA SER B 71 13.98 13.86 26.50
C SER B 71 14.49 13.18 27.75
N GLY B 72 15.81 13.18 27.92
CA GLY B 72 16.44 12.62 29.10
C GLY B 72 16.14 11.16 29.31
N THR B 73 15.22 10.85 30.21
CA THR B 73 14.89 9.48 30.58
C THR B 73 13.44 9.11 30.33
N TYR B 74 12.59 10.06 29.94
CA TYR B 74 11.18 9.80 29.72
C TYR B 74 10.81 10.18 28.30
N PHE B 75 10.24 9.23 27.57
CA PHE B 75 9.82 9.44 26.19
C PHE B 75 8.44 8.84 26.00
N SER B 76 7.72 9.33 25.00
CA SER B 76 6.37 8.86 24.74
C SER B 76 6.10 8.90 23.24
N LEU B 77 5.30 7.93 22.78
CA LEU B 77 4.84 7.86 21.41
C LEU B 77 3.33 8.03 21.38
N ASN B 78 2.86 8.95 20.56
CA ASN B 78 1.43 9.20 20.39
C ASN B 78 1.03 8.88 18.97
N ILE B 79 -0.11 8.18 18.83
CA ILE B 79 -0.68 7.86 17.53
C ILE B 79 -2.08 8.43 17.52
N HIS B 80 -2.29 9.48 16.73
CA HIS B 80 -3.58 10.15 16.66
C HIS B 80 -3.77 10.74 15.27
N PRO B 81 -4.77 10.30 14.49
CA PRO B 81 -5.78 9.28 14.82
C PRO B 81 -5.30 7.84 14.61
N MET B 82 -5.65 6.96 15.53
CA MET B 82 -5.40 5.54 15.33
C MET B 82 -6.19 5.05 14.11
N GLU B 83 -5.52 4.29 13.25
CA GLU B 83 -6.16 3.75 12.05
C GLU B 83 -6.02 2.23 12.04
N GLU B 84 -6.87 1.59 11.24
CA GLU B 84 -6.94 0.14 11.23
C GLU B 84 -5.55 -0.47 11.04
N ASP B 85 -4.78 0.05 10.09
CA ASP B 85 -3.48 -0.51 9.75
C ASP B 85 -2.42 -0.24 10.82
N ASP B 86 -2.77 0.37 11.94
CA ASP B 86 -1.79 0.68 12.97
C ASP B 86 -1.74 -0.35 14.09
N THR B 87 -2.62 -1.35 14.07
CA THR B 87 -2.49 -2.44 15.02
C THR B 87 -1.15 -3.12 14.81
N ALA B 88 -0.35 -3.18 15.87
CA ALA B 88 1.01 -3.69 15.77
C ALA B 88 1.69 -3.66 17.14
N VAL B 89 2.96 -4.02 17.18
CA VAL B 89 3.78 -3.93 18.39
C VAL B 89 4.78 -2.80 18.19
N TYR B 90 4.88 -1.92 19.18
CA TYR B 90 5.73 -0.74 19.11
C TYR B 90 6.83 -0.86 20.15
N PHE B 91 8.08 -0.68 19.72
CA PHE B 91 9.24 -0.77 20.59
C PHE B 91 9.95 0.58 20.64
N CYS B 92 10.48 0.92 21.80
CA CYS B 92 11.47 1.98 21.89
C CYS B 92 12.87 1.36 21.95
N GLN B 93 13.86 2.15 21.56
CA GLN B 93 15.21 1.66 21.38
C GLN B 93 16.17 2.83 21.59
N GLN B 94 17.30 2.54 22.23
CA GLN B 94 18.27 3.57 22.58
C GLN B 94 19.64 3.21 22.01
N THR B 95 20.33 4.23 21.49
CA THR B 95 21.67 4.09 20.96
C THR B 95 22.69 4.92 21.73
N LYS B 96 22.33 5.34 22.96
CA LYS B 96 23.24 6.15 23.76
C LYS B 96 24.42 5.33 24.26
N GLY B 97 24.15 4.14 24.81
CA GLY B 97 25.20 3.34 25.39
C GLY B 97 26.03 2.62 24.35
N VAL B 98 27.13 2.03 24.82
CA VAL B 98 27.95 1.18 23.95
C VAL B 98 27.13 0.00 23.44
N SER B 99 26.44 -0.67 24.36
CA SER B 99 25.52 -1.74 24.01
C SER B 99 24.12 -1.15 23.84
N TRP B 100 23.49 -1.45 22.71
CA TRP B 100 22.16 -0.97 22.42
C TRP B 100 21.12 -1.94 22.96
N THR B 101 19.92 -1.41 23.24
CA THR B 101 18.87 -2.20 23.85
C THR B 101 17.52 -1.78 23.30
N PHE B 102 16.56 -2.69 23.38
CA PHE B 102 15.18 -2.44 23.02
C PHE B 102 14.32 -2.41 24.27
N GLY B 103 13.20 -1.69 24.19
CA GLY B 103 12.17 -1.82 25.18
C GLY B 103 11.42 -3.14 25.03
N GLY B 104 10.57 -3.43 26.01
CA GLY B 104 9.84 -4.69 26.01
C GLY B 104 8.77 -4.77 24.94
N GLY B 105 8.39 -3.65 24.36
CA GLY B 105 7.35 -3.65 23.32
C GLY B 105 5.97 -3.42 23.90
N THR B 106 5.13 -2.76 23.09
CA THR B 106 3.74 -2.46 23.46
C THR B 106 2.83 -2.90 22.32
N LYS B 107 1.96 -3.85 22.60
CA LYS B 107 0.99 -4.32 21.61
C LYS B 107 -0.21 -3.38 21.60
N VAL B 108 -0.48 -2.75 20.46
CA VAL B 108 -1.58 -1.81 20.31
C VAL B 108 -2.58 -2.42 19.32
N GLU B 109 -3.84 -2.53 19.74
CA GLU B 109 -4.89 -3.14 18.94
C GLU B 109 -6.07 -2.19 18.83
N ILE B 110 -6.97 -2.52 17.91
CA ILE B 110 -8.10 -1.67 17.55
C ILE B 110 -9.36 -2.21 18.22
N LYS B 111 -10.22 -1.27 18.65
CA LYS B 111 -11.56 -1.61 19.12
C LYS B 111 -12.57 -1.24 18.04
N ARG B 112 -13.51 -2.15 17.80
CA ARG B 112 -14.50 -1.96 16.75
C ARG B 112 -15.82 -2.58 17.19
N ALA B 113 -16.81 -2.52 16.31
CA ALA B 113 -18.12 -3.06 16.61
C ALA B 113 -18.10 -4.59 16.58
N ASP B 114 -18.98 -5.19 17.38
CA ASP B 114 -19.06 -6.64 17.44
C ASP B 114 -19.33 -7.21 16.04
N ALA B 115 -18.76 -8.38 15.79
CA ALA B 115 -18.88 -9.05 14.51
C ALA B 115 -19.02 -10.55 14.74
N ALA B 116 -20.02 -11.16 14.11
CA ALA B 116 -20.24 -12.58 14.27
C ALA B 116 -19.25 -13.38 13.44
N PRO B 117 -18.82 -14.54 13.93
CA PRO B 117 -17.89 -15.37 13.15
C PRO B 117 -18.60 -16.11 12.03
N THR B 118 -17.91 -16.26 10.90
CA THR B 118 -18.36 -17.14 9.83
C THR B 118 -17.70 -18.50 10.05
N VAL B 119 -18.52 -19.52 10.31
CA VAL B 119 -18.04 -20.83 10.70
C VAL B 119 -18.17 -21.77 9.51
N SER B 120 -17.10 -22.54 9.25
CA SER B 120 -17.07 -23.52 8.18
C SER B 120 -16.35 -24.76 8.69
N VAL B 121 -16.93 -25.94 8.45
CA VAL B 121 -16.32 -27.20 8.86
C VAL B 121 -16.05 -28.02 7.61
N PHE B 122 -14.98 -28.80 7.65
CA PHE B 122 -14.55 -29.60 6.51
C PHE B 122 -14.24 -31.02 6.99
N PRO B 123 -14.83 -32.05 6.39
CA PRO B 123 -14.42 -33.42 6.70
C PRO B 123 -13.02 -33.70 6.19
N PRO B 124 -12.44 -34.85 6.54
CA PRO B 124 -11.11 -35.18 6.01
C PRO B 124 -11.14 -35.25 4.49
N SER B 125 -10.02 -34.85 3.89
CA SER B 125 -9.91 -34.91 2.44
C SER B 125 -9.76 -36.35 1.98
N SER B 126 -10.18 -36.60 0.74
CA SER B 126 -10.02 -37.93 0.16
C SER B 126 -8.56 -38.38 0.21
N GLU B 127 -7.63 -37.44 0.03
CA GLU B 127 -6.21 -37.80 -0.01
C GLU B 127 -5.69 -38.18 1.37
N GLN B 128 -6.18 -37.54 2.42
CA GLN B 128 -5.75 -37.90 3.77
C GLN B 128 -6.34 -39.25 4.18
N LEU B 129 -7.62 -39.47 3.89
CA LEU B 129 -8.24 -40.74 4.23
C LEU B 129 -7.50 -41.91 3.60
N THR B 130 -7.19 -41.82 2.32
CA THR B 130 -6.46 -42.89 1.65
C THR B 130 -5.09 -43.12 2.27
N SER B 131 -4.52 -42.13 2.93
CA SER B 131 -3.20 -42.25 3.54
C SER B 131 -3.21 -42.83 4.94
N GLY B 132 -4.39 -43.02 5.53
CA GLY B 132 -4.50 -43.61 6.86
C GLY B 132 -4.80 -42.62 7.96
N GLY B 133 -4.90 -41.32 7.66
CA GLY B 133 -5.21 -40.32 8.64
C GLY B 133 -6.58 -39.69 8.38
N ALA B 134 -7.02 -38.89 9.35
CA ALA B 134 -8.32 -38.22 9.24
C ALA B 134 -8.28 -36.98 10.13
N SER B 135 -8.36 -35.81 9.52
CA SER B 135 -8.40 -34.54 10.23
C SER B 135 -9.68 -33.81 9.88
N VAL B 136 -10.35 -33.28 10.89
CA VAL B 136 -11.52 -32.43 10.71
C VAL B 136 -11.12 -31.00 11.04
N VAL B 137 -11.45 -30.07 10.16
CA VAL B 137 -10.99 -28.69 10.26
C VAL B 137 -12.20 -27.78 10.36
N CYS B 138 -12.09 -26.78 11.24
CA CYS B 138 -13.14 -25.79 11.44
C CYS B 138 -12.51 -24.41 11.42
N PHE B 139 -13.06 -23.51 10.60
CA PHE B 139 -12.64 -22.13 10.55
C PHE B 139 -13.72 -21.24 11.16
N LEU B 140 -13.30 -20.29 11.99
CA LEU B 140 -14.18 -19.29 12.58
C LEU B 140 -13.56 -17.93 12.28
N ASN B 141 -14.05 -17.27 11.24
CA ASN B 141 -13.36 -16.15 10.61
C ASN B 141 -14.08 -14.83 10.85
N ASN B 142 -13.28 -13.77 11.07
CA ASN B 142 -13.74 -12.39 11.03
C ASN B 142 -14.82 -12.10 12.09
N PHE B 143 -14.43 -12.29 13.35
CA PHE B 143 -15.30 -11.99 14.48
C PHE B 143 -14.64 -10.97 15.40
N TYR B 144 -15.48 -10.35 16.23
CA TYR B 144 -15.02 -9.41 17.24
C TYR B 144 -16.08 -9.37 18.33
N PRO B 145 -15.70 -9.35 19.63
CA PRO B 145 -14.33 -9.33 20.18
C PRO B 145 -13.63 -10.68 20.03
N ARG B 146 -12.35 -10.73 20.41
CA ARG B 146 -11.56 -11.93 20.19
C ARG B 146 -11.91 -13.06 21.16
N ASP B 147 -12.58 -12.74 22.27
CA ASP B 147 -12.96 -13.76 23.24
C ASP B 147 -13.94 -14.74 22.61
N ILE B 148 -13.56 -16.02 22.59
CA ILE B 148 -14.36 -17.05 21.93
C ILE B 148 -13.90 -18.40 22.44
N ASN B 149 -14.86 -19.31 22.62
CA ASN B 149 -14.59 -20.68 23.03
C ASN B 149 -15.13 -21.64 21.97
N VAL B 150 -14.36 -22.68 21.68
CA VAL B 150 -14.72 -23.65 20.65
C VAL B 150 -14.59 -25.05 21.24
N LYS B 151 -15.60 -25.89 20.99
CA LYS B 151 -15.58 -27.27 21.40
C LYS B 151 -15.88 -28.16 20.20
N TRP B 152 -15.32 -29.35 20.20
CA TRP B 152 -15.63 -30.39 19.23
C TRP B 152 -16.55 -31.41 19.89
N LYS B 153 -17.63 -31.76 19.20
CA LYS B 153 -18.57 -32.77 19.68
C LYS B 153 -18.62 -33.91 18.66
N ILE B 154 -18.32 -35.12 19.12
CA ILE B 154 -18.41 -36.32 18.30
C ILE B 154 -19.55 -37.17 18.86
N ASP B 155 -20.64 -37.27 18.09
CA ASP B 155 -21.82 -38.01 18.53
C ASP B 155 -22.30 -37.53 19.90
N GLY B 156 -22.19 -36.22 20.13
CA GLY B 156 -22.68 -35.60 21.34
C GLY B 156 -21.67 -35.47 22.46
N SER B 157 -20.57 -36.21 22.39
CA SER B 157 -19.57 -36.20 23.45
C SER B 157 -18.41 -35.29 23.05
N GLU B 158 -18.00 -34.42 23.97
CA GLU B 158 -16.93 -33.48 23.69
C GLU B 158 -15.60 -34.21 23.51
N ARG B 159 -14.82 -33.77 22.53
CA ARG B 159 -13.50 -34.33 22.26
C ARG B 159 -12.46 -33.23 22.44
N GLN B 160 -11.53 -33.44 23.35
CA GLN B 160 -10.45 -32.50 23.63
C GLN B 160 -9.09 -32.98 23.14
N ASN B 161 -8.81 -34.28 23.27
CA ASN B 161 -7.53 -34.81 22.82
C ASN B 161 -7.46 -34.79 21.29
N GLY B 162 -6.34 -34.32 20.76
CA GLY B 162 -6.13 -34.26 19.33
C GLY B 162 -6.57 -32.97 18.67
N VAL B 163 -6.91 -31.95 19.45
CA VAL B 163 -7.38 -30.68 18.93
C VAL B 163 -6.22 -29.69 18.91
N LEU B 164 -6.03 -29.01 17.79
CA LEU B 164 -4.99 -28.00 17.63
C LEU B 164 -5.63 -26.70 17.18
N ASN B 165 -5.47 -25.66 17.99
CA ASN B 165 -6.09 -24.36 17.74
C ASN B 165 -5.04 -23.33 17.39
N SER B 166 -5.42 -22.41 16.50
CA SER B 166 -4.54 -21.34 16.09
C SER B 166 -5.36 -20.08 15.87
N TRP B 167 -4.82 -18.95 16.31
CA TRP B 167 -5.50 -17.65 16.23
C TRP B 167 -4.66 -16.69 15.42
N THR B 168 -5.32 -15.93 14.54
CA THR B 168 -4.62 -14.90 13.79
C THR B 168 -4.49 -13.63 14.61
N ASP B 169 -3.48 -12.84 14.26
CA ASP B 169 -3.39 -11.48 14.78
C ASP B 169 -4.51 -10.64 14.17
N GLN B 170 -4.80 -9.52 14.83
CA GLN B 170 -5.89 -8.65 14.38
C GLN B 170 -5.69 -8.27 12.91
N ASP B 171 -6.76 -8.41 12.14
CA ASP B 171 -6.73 -8.01 10.73
C ASP B 171 -6.46 -6.51 10.63
N SER B 172 -5.53 -6.15 9.76
CA SER B 172 -5.12 -4.75 9.62
C SER B 172 -6.07 -3.92 8.78
N LYS B 173 -7.14 -4.52 8.26
CA LYS B 173 -8.12 -3.81 7.43
C LYS B 173 -9.48 -3.67 8.11
N ASP B 174 -10.04 -4.75 8.66
CA ASP B 174 -11.34 -4.70 9.32
C ASP B 174 -11.26 -4.93 10.82
N SER B 175 -10.06 -5.13 11.38
CA SER B 175 -9.86 -5.18 12.81
C SER B 175 -10.55 -6.37 13.47
N THR B 176 -10.76 -7.46 12.73
CA THR B 176 -11.37 -8.66 13.28
C THR B 176 -10.31 -9.71 13.59
N TYR B 177 -10.76 -10.80 14.20
CA TYR B 177 -9.92 -11.94 14.53
C TYR B 177 -10.51 -13.19 13.88
N SER B 178 -9.65 -14.19 13.68
CA SER B 178 -10.07 -15.46 13.12
C SER B 178 -9.35 -16.59 13.84
N MET B 179 -10.00 -17.77 13.86
CA MET B 179 -9.45 -18.94 14.53
C MET B 179 -9.62 -20.16 13.65
N SER B 180 -8.67 -21.09 13.79
CA SER B 180 -8.70 -22.36 13.09
C SER B 180 -8.51 -23.49 14.10
N SER B 181 -9.39 -24.47 14.08
CA SER B 181 -9.33 -25.60 15.00
C SER B 181 -9.32 -26.89 14.20
N THR B 182 -8.29 -27.70 14.39
CA THR B 182 -8.12 -28.96 13.68
C THR B 182 -8.18 -30.11 14.66
N LEU B 183 -9.09 -31.05 14.40
CA LEU B 183 -9.23 -32.27 15.18
C LEU B 183 -8.64 -33.43 14.39
N THR B 184 -7.68 -34.12 14.98
CA THR B 184 -6.95 -35.18 14.29
C THR B 184 -7.25 -36.53 14.94
N LEU B 185 -7.74 -37.47 14.13
CA LEU B 185 -7.99 -38.83 14.56
C LEU B 185 -7.32 -39.78 13.58
N THR B 186 -7.21 -41.04 13.99
CA THR B 186 -6.88 -42.08 13.04
C THR B 186 -8.06 -42.29 12.11
N LYS B 187 -7.77 -42.77 10.89
CA LYS B 187 -8.86 -43.09 9.96
C LYS B 187 -9.82 -44.10 10.58
N ASP B 188 -9.27 -45.06 11.33
CA ASP B 188 -10.11 -46.09 11.94
C ASP B 188 -11.11 -45.50 12.90
N GLU B 189 -10.67 -44.59 13.78
CA GLU B 189 -11.60 -43.98 14.71
C GLU B 189 -12.58 -43.04 13.99
N TYR B 190 -12.10 -42.35 12.95
CA TYR B 190 -13.00 -41.46 12.20
C TYR B 190 -14.16 -42.25 11.58
N GLU B 191 -13.92 -43.50 11.20
CA GLU B 191 -14.93 -44.30 10.54
C GLU B 191 -15.99 -44.84 11.49
N ARG B 192 -15.74 -44.81 12.81
CA ARG B 192 -16.69 -45.35 13.79
C ARG B 192 -17.35 -44.23 14.60
N HIS B 193 -17.55 -43.07 13.98
CA HIS B 193 -18.41 -42.04 14.54
C HIS B 193 -19.23 -41.44 13.40
N ASN B 194 -20.41 -40.92 13.75
CA ASN B 194 -21.34 -40.42 12.75
C ASN B 194 -21.27 -38.91 12.58
N SER B 195 -21.58 -38.15 13.63
CA SER B 195 -21.69 -36.70 13.54
C SER B 195 -20.47 -36.03 14.16
N TYR B 196 -19.85 -35.13 13.40
CA TYR B 196 -18.75 -34.29 13.87
C TYR B 196 -19.24 -32.84 13.86
N THR B 197 -19.03 -32.13 14.96
CA THR B 197 -19.63 -30.83 15.15
C THR B 197 -18.60 -29.84 15.67
N CYS B 198 -18.49 -28.70 15.00
CA CYS B 198 -17.75 -27.54 15.49
C CYS B 198 -18.73 -26.61 16.19
N GLU B 199 -18.52 -26.40 17.49
CA GLU B 199 -19.44 -25.64 18.32
C GLU B 199 -18.68 -24.51 19.00
N ALA B 200 -19.18 -23.29 18.86
CA ALA B 200 -18.53 -22.11 19.39
C ALA B 200 -19.51 -21.25 20.18
N THR B 201 -19.00 -20.57 21.20
CA THR B 201 -19.77 -19.61 21.97
C THR B 201 -19.14 -18.23 21.79
N HIS B 202 -19.96 -17.26 21.41
CA HIS B 202 -19.51 -15.90 21.14
C HIS B 202 -20.65 -14.95 21.47
N LYS B 203 -20.30 -13.76 21.98
CA LYS B 203 -21.33 -12.87 22.50
C LYS B 203 -22.30 -12.40 21.42
N THR B 204 -21.94 -12.54 20.14
CA THR B 204 -22.85 -12.11 19.07
C THR B 204 -24.02 -13.07 18.88
N SER B 205 -24.04 -14.21 19.59
CA SER B 205 -25.13 -15.16 19.49
C SER B 205 -25.50 -15.63 20.89
N THR B 206 -26.82 -15.72 21.14
CA THR B 206 -27.28 -16.25 22.43
C THR B 206 -27.16 -17.76 22.51
N SER B 207 -27.16 -18.45 21.38
CA SER B 207 -27.06 -19.90 21.34
C SER B 207 -25.72 -20.32 20.75
N PRO B 208 -25.32 -21.59 20.94
CA PRO B 208 -24.06 -22.04 20.36
C PRO B 208 -24.07 -21.95 18.84
N ILE B 209 -22.93 -21.53 18.29
CA ILE B 209 -22.75 -21.47 16.85
C ILE B 209 -22.29 -22.85 16.39
N VAL B 210 -23.10 -23.51 15.57
CA VAL B 210 -22.94 -24.93 15.27
C VAL B 210 -22.80 -25.10 13.77
N LYS B 211 -21.72 -25.77 13.36
CA LYS B 211 -21.57 -26.30 12.02
C LYS B 211 -21.09 -27.74 12.16
N SER B 212 -21.77 -28.66 11.48
CA SER B 212 -21.48 -30.08 11.64
C SER B 212 -21.79 -30.80 10.35
N PHE B 213 -21.42 -32.08 10.31
CA PHE B 213 -21.77 -32.97 9.23
C PHE B 213 -21.99 -34.36 9.81
N ASN B 214 -22.94 -35.08 9.22
CA ASN B 214 -23.30 -36.43 9.68
C ASN B 214 -22.88 -37.43 8.62
N ARG B 215 -22.02 -38.37 8.99
CA ARG B 215 -21.69 -39.46 8.07
C ARG B 215 -22.88 -40.39 7.92
N GLY B 216 -22.90 -41.12 6.82
CA GLY B 216 -23.94 -42.10 6.57
C GLY B 216 -25.33 -41.52 6.48
N GLN C 1 -10.12 -15.06 -10.08
CA GLN C 1 -10.09 -13.61 -9.87
C GLN C 1 -10.50 -12.88 -11.15
N VAL C 2 -11.60 -12.13 -11.06
CA VAL C 2 -12.06 -11.37 -12.22
C VAL C 2 -11.01 -10.33 -12.59
N GLN C 3 -10.66 -10.28 -13.86
CA GLN C 3 -9.68 -9.33 -14.36
C GLN C 3 -10.15 -8.78 -15.70
N LEU C 4 -9.98 -7.47 -15.88
CA LEU C 4 -10.27 -6.79 -17.14
C LEU C 4 -8.98 -6.14 -17.62
N GLN C 5 -8.41 -6.67 -18.68
CA GLN C 5 -7.15 -6.18 -19.24
C GLN C 5 -7.45 -5.40 -20.51
N GLN C 6 -7.10 -4.11 -20.51
CA GLN C 6 -7.40 -3.22 -21.62
C GLN C 6 -6.18 -3.01 -22.50
N SER C 7 -6.42 -2.40 -23.66
CA SER C 7 -5.34 -2.06 -24.58
C SER C 7 -4.39 -1.06 -23.96
N GLY C 8 -3.15 -1.07 -24.44
CA GLY C 8 -2.17 -0.10 -24.02
C GLY C 8 -2.44 1.27 -24.62
N PRO C 9 -1.53 2.21 -24.37
CA PRO C 9 -1.74 3.59 -24.83
C PRO C 9 -1.88 3.65 -26.35
N GLU C 10 -2.70 4.61 -26.80
CA GLU C 10 -2.96 4.81 -28.21
C GLU C 10 -2.79 6.28 -28.56
N LEU C 11 -2.06 6.56 -29.63
CA LEU C 11 -1.77 7.92 -30.07
C LEU C 11 -2.01 7.99 -31.56
N VAL C 12 -2.92 8.88 -31.98
CA VAL C 12 -3.32 8.99 -33.38
C VAL C 12 -3.56 10.45 -33.73
N LYS C 13 -3.59 10.72 -35.03
CA LYS C 13 -3.77 12.07 -35.54
C LYS C 13 -5.26 12.42 -35.59
N LEU C 14 -5.52 13.71 -35.82
CA LEU C 14 -6.90 14.19 -35.93
C LEU C 14 -7.62 13.47 -37.06
N GLY C 15 -8.86 13.05 -36.78
CA GLY C 15 -9.69 12.39 -37.77
C GLY C 15 -9.49 10.90 -37.89
N ALA C 16 -8.63 10.30 -37.07
CA ALA C 16 -8.39 8.87 -37.14
C ALA C 16 -9.44 8.11 -36.33
N SER C 17 -9.34 6.79 -36.35
CA SER C 17 -10.22 5.92 -35.57
C SER C 17 -9.37 4.85 -34.91
N VAL C 18 -9.80 4.42 -33.72
CA VAL C 18 -9.06 3.48 -32.90
C VAL C 18 -9.98 2.35 -32.45
N ARG C 19 -9.37 1.30 -31.91
CA ARG C 19 -10.07 0.15 -31.36
C ARG C 19 -9.47 -0.15 -29.99
N ILE C 20 -10.32 -0.12 -28.96
CA ILE C 20 -9.92 -0.44 -27.59
C ILE C 20 -10.51 -1.80 -27.23
N SER C 21 -9.68 -2.72 -26.79
CA SER C 21 -10.10 -4.05 -26.41
C SER C 21 -10.13 -4.19 -24.89
N CYS C 22 -11.10 -4.96 -24.40
CA CYS C 22 -11.28 -5.22 -22.97
C CYS C 22 -11.43 -6.73 -22.81
N LYS C 23 -10.33 -7.42 -22.52
CA LYS C 23 -10.35 -8.87 -22.38
C LYS C 23 -10.75 -9.22 -20.95
N ALA C 24 -11.82 -10.00 -20.81
CA ALA C 24 -12.37 -10.36 -19.51
C ALA C 24 -12.04 -11.81 -19.18
N SER C 25 -11.69 -12.06 -17.92
CA SER C 25 -11.43 -13.41 -17.45
C SER C 25 -11.89 -13.53 -16.00
N GLY C 26 -12.16 -14.77 -15.59
CA GLY C 26 -12.57 -15.05 -14.24
C GLY C 26 -14.05 -15.14 -13.99
N TYR C 27 -14.88 -15.09 -15.03
CA TYR C 27 -16.32 -15.20 -14.87
C TYR C 27 -16.92 -15.57 -16.21
N ARG C 28 -18.23 -15.86 -16.20
CA ARG C 28 -18.94 -16.21 -17.42
C ARG C 28 -19.09 -14.97 -18.29
N PHE C 29 -18.29 -14.89 -19.35
CA PHE C 29 -18.18 -13.67 -20.14
C PHE C 29 -19.53 -13.23 -20.71
N SER C 30 -20.36 -14.19 -21.14
CA SER C 30 -21.55 -13.85 -21.91
C SER C 30 -22.62 -13.17 -21.06
N TYR C 31 -22.65 -13.44 -19.75
CA TYR C 31 -23.81 -13.06 -18.94
C TYR C 31 -23.50 -11.93 -17.96
N SER C 32 -22.94 -10.83 -18.45
CA SER C 32 -22.71 -9.65 -17.63
C SER C 32 -22.49 -8.45 -18.54
N TRP C 33 -23.22 -7.37 -18.28
CA TRP C 33 -23.04 -6.15 -19.05
C TRP C 33 -21.62 -5.63 -18.88
N MET C 34 -21.08 -5.06 -19.96
CA MET C 34 -19.77 -4.42 -19.95
C MET C 34 -19.95 -2.95 -20.30
N ASN C 35 -19.57 -2.07 -19.37
CA ASN C 35 -19.73 -0.64 -19.56
C ASN C 35 -18.44 -0.02 -20.10
N TRP C 36 -18.56 1.24 -20.53
CA TRP C 36 -17.41 2.03 -20.94
C TRP C 36 -17.58 3.43 -20.39
N VAL C 37 -16.50 3.97 -19.81
CA VAL C 37 -16.52 5.27 -19.15
C VAL C 37 -15.39 6.12 -19.70
N LYS C 38 -15.66 7.41 -19.89
CA LYS C 38 -14.70 8.34 -20.42
C LYS C 38 -14.27 9.32 -19.32
N GLN C 39 -12.98 9.66 -19.32
CA GLN C 39 -12.45 10.62 -18.35
C GLN C 39 -11.42 11.50 -19.07
N ARG C 40 -11.84 12.71 -19.41
CA ARG C 40 -10.91 13.65 -20.02
C ARG C 40 -9.90 14.13 -18.97
N PRO C 41 -8.71 14.59 -19.41
CA PRO C 41 -7.70 15.03 -18.45
C PRO C 41 -8.21 16.11 -17.50
N GLY C 42 -8.43 15.75 -16.24
CA GLY C 42 -8.82 16.70 -15.22
C GLY C 42 -10.30 16.72 -14.91
N LYS C 43 -11.13 16.04 -15.69
CA LYS C 43 -12.57 16.07 -15.51
C LYS C 43 -13.05 14.82 -14.77
N GLY C 44 -14.34 14.79 -14.47
CA GLY C 44 -14.97 13.64 -13.87
C GLY C 44 -15.24 12.53 -14.89
N LEU C 45 -16.14 11.63 -14.51
CA LEU C 45 -16.43 10.43 -15.30
C LEU C 45 -17.69 10.62 -16.14
N GLU C 46 -17.64 10.12 -17.37
CA GLU C 46 -18.78 10.15 -18.28
C GLU C 46 -19.11 8.72 -18.71
N TRP C 47 -20.37 8.34 -18.59
CA TRP C 47 -20.81 7.02 -19.03
C TRP C 47 -21.09 7.03 -20.53
N ILE C 48 -20.48 6.09 -21.25
CA ILE C 48 -20.61 6.01 -22.70
C ILE C 48 -21.76 5.07 -23.05
N GLY C 49 -21.69 3.84 -22.56
CA GLY C 49 -22.69 2.85 -22.91
C GLY C 49 -22.36 1.52 -22.28
N ARG C 50 -23.06 0.48 -22.74
CA ARG C 50 -22.86 -0.86 -22.22
C ARG C 50 -23.34 -1.88 -23.25
N ILE C 51 -22.75 -3.06 -23.21
CA ILE C 51 -23.07 -4.15 -24.12
C ILE C 51 -23.22 -5.43 -23.31
N TYR C 52 -24.19 -6.26 -23.70
CA TYR C 52 -24.39 -7.58 -23.10
C TYR C 52 -23.81 -8.61 -24.06
N PRO C 53 -22.63 -9.19 -23.78
CA PRO C 53 -21.99 -10.07 -24.77
C PRO C 53 -22.82 -11.29 -25.15
N GLY C 54 -23.87 -11.61 -24.39
CA GLY C 54 -24.67 -12.79 -24.70
C GLY C 54 -25.36 -12.68 -26.06
N ASP C 55 -26.00 -11.54 -26.31
CA ASP C 55 -26.75 -11.34 -27.54
C ASP C 55 -26.34 -10.06 -28.27
N GLY C 56 -25.25 -9.43 -27.87
CA GLY C 56 -24.79 -8.21 -28.53
C GLY C 56 -25.66 -7.00 -28.32
N ASP C 57 -26.62 -7.07 -27.39
CA ASP C 57 -27.47 -5.91 -27.12
C ASP C 57 -26.63 -4.76 -26.58
N THR C 58 -26.84 -3.57 -27.12
CA THR C 58 -26.10 -2.39 -26.73
C THR C 58 -27.06 -1.25 -26.41
N LYS C 59 -26.62 -0.35 -25.53
CA LYS C 59 -27.36 0.85 -25.17
C LYS C 59 -26.38 1.98 -24.95
N TYR C 60 -26.47 3.01 -25.79
CA TYR C 60 -25.52 4.12 -25.77
C TYR C 60 -26.15 5.36 -25.14
N SER C 61 -25.31 6.12 -24.44
CA SER C 61 -25.69 7.48 -24.09
C SER C 61 -25.90 8.29 -25.36
N GLY C 62 -26.90 9.17 -25.34
CA GLY C 62 -27.21 9.94 -26.53
C GLY C 62 -26.05 10.73 -27.06
N LYS C 63 -25.17 11.20 -26.17
CA LYS C 63 -24.05 12.05 -26.57
C LYS C 63 -22.96 11.27 -27.31
N PHE C 64 -22.94 9.94 -27.20
CA PHE C 64 -21.86 9.13 -27.76
C PHE C 64 -22.28 8.24 -28.91
N LYS C 65 -23.56 8.10 -29.19
CA LYS C 65 -23.98 7.30 -30.33
C LYS C 65 -23.57 7.99 -31.63
N GLY C 66 -22.92 7.23 -32.51
CA GLY C 66 -22.26 7.76 -33.68
C GLY C 66 -20.78 7.95 -33.50
N LYS C 67 -20.34 8.15 -32.26
CA LYS C 67 -18.92 8.25 -31.92
C LYS C 67 -18.34 6.93 -31.45
N ALA C 68 -19.07 6.20 -30.61
CA ALA C 68 -18.60 4.94 -30.04
C ALA C 68 -19.46 3.79 -30.56
N THR C 69 -18.80 2.65 -30.80
CA THR C 69 -19.47 1.44 -31.23
C THR C 69 -18.93 0.27 -30.41
N LEU C 70 -19.81 -0.39 -29.65
CA LEU C 70 -19.42 -1.50 -28.80
C LEU C 70 -19.69 -2.82 -29.51
N THR C 71 -18.77 -3.77 -29.36
CA THR C 71 -18.94 -5.12 -29.87
C THR C 71 -18.32 -6.09 -28.87
N ALA C 72 -18.70 -7.36 -28.99
CA ALA C 72 -18.21 -8.39 -28.10
C ALA C 72 -17.87 -9.64 -28.90
N ASP C 73 -16.78 -10.30 -28.51
CA ASP C 73 -16.27 -11.48 -29.21
C ASP C 73 -16.13 -12.60 -28.17
N LYS C 74 -17.05 -13.58 -28.22
CA LYS C 74 -17.09 -14.61 -27.18
C LYS C 74 -15.92 -15.56 -27.30
N SER C 75 -15.43 -15.81 -28.52
CA SER C 75 -14.31 -16.74 -28.69
C SER C 75 -13.07 -16.28 -27.95
N SER C 76 -12.89 -14.96 -27.82
CA SER C 76 -11.72 -14.39 -27.16
C SER C 76 -12.05 -13.72 -25.83
N SER C 77 -13.31 -13.75 -25.41
CA SER C 77 -13.73 -13.09 -24.17
C SER C 77 -13.27 -11.64 -24.14
N THR C 78 -13.51 -10.93 -25.25
CA THR C 78 -13.07 -9.56 -25.41
C THR C 78 -14.25 -8.68 -25.79
N VAL C 79 -14.27 -7.47 -25.22
CA VAL C 79 -15.23 -6.43 -25.60
C VAL C 79 -14.44 -5.28 -26.22
N TYR C 80 -14.90 -4.80 -27.36
CA TYR C 80 -14.24 -3.72 -28.07
C TYR C 80 -15.10 -2.46 -28.04
N MET C 81 -14.44 -1.31 -28.04
CA MET C 81 -15.08 -0.03 -28.30
C MET C 81 -14.33 0.64 -29.45
N GLN C 82 -15.06 0.95 -30.52
CA GLN C 82 -14.51 1.67 -31.66
C GLN C 82 -14.84 3.15 -31.51
N LEU C 83 -13.81 3.99 -31.66
CA LEU C 83 -13.99 5.44 -31.67
C LEU C 83 -13.56 5.97 -33.03
N SER C 84 -14.44 6.73 -33.66
CA SER C 84 -14.22 7.21 -35.02
C SER C 84 -14.25 8.73 -35.07
N SER C 85 -13.68 9.26 -36.15
CA SER C 85 -13.60 10.71 -36.39
C SER C 85 -13.11 11.44 -35.14
N LEU C 86 -11.92 11.05 -34.70
CA LEU C 86 -11.40 11.54 -33.43
C LEU C 86 -11.04 13.02 -33.51
N THR C 87 -11.38 13.75 -32.46
CA THR C 87 -11.06 15.16 -32.32
C THR C 87 -10.33 15.38 -31.00
N SER C 88 -10.02 16.63 -30.70
CA SER C 88 -9.31 16.95 -29.47
C SER C 88 -10.11 16.53 -28.25
N GLU C 89 -11.43 16.79 -28.24
CA GLU C 89 -12.26 16.43 -27.11
C GLU C 89 -12.27 14.92 -26.86
N ASP C 90 -11.90 14.11 -27.85
CA ASP C 90 -11.86 12.67 -27.66
C ASP C 90 -10.64 12.21 -26.90
N SER C 91 -9.63 13.07 -26.74
CA SER C 91 -8.45 12.72 -25.94
C SER C 91 -8.86 12.50 -24.50
N ALA C 92 -8.74 11.27 -24.02
CA ALA C 92 -9.18 10.93 -22.67
C ALA C 92 -8.74 9.51 -22.35
N VAL C 93 -8.96 9.12 -21.10
CA VAL C 93 -8.79 7.74 -20.67
C VAL C 93 -10.15 7.06 -20.72
N TYR C 94 -10.19 5.83 -21.22
CA TYR C 94 -11.42 5.08 -21.39
C TYR C 94 -11.33 3.79 -20.59
N PHE C 95 -12.23 3.62 -19.62
CA PHE C 95 -12.30 2.43 -18.79
C PHE C 95 -13.44 1.54 -19.25
N CYS C 96 -13.21 0.22 -19.21
CA CYS C 96 -14.29 -0.75 -19.27
C CYS C 96 -14.57 -1.26 -17.86
N ALA C 97 -15.83 -1.56 -17.59
CA ALA C 97 -16.22 -2.01 -16.26
C ALA C 97 -17.42 -2.95 -16.34
N ARG C 98 -17.36 -4.03 -15.58
CA ARG C 98 -18.44 -5.01 -15.54
C ARG C 98 -19.50 -4.57 -14.54
N SER C 99 -20.76 -4.84 -14.87
CA SER C 99 -21.89 -4.54 -13.99
C SER C 99 -22.30 -5.79 -13.22
N ALA C 100 -22.77 -5.59 -12.00
CA ALA C 100 -23.29 -6.66 -11.17
C ALA C 100 -24.79 -6.83 -11.43
N TYR C 101 -25.44 -7.69 -10.64
CA TYR C 101 -26.86 -7.96 -10.82
C TYR C 101 -27.70 -6.74 -10.42
N GLY C 102 -28.98 -6.79 -10.79
CA GLY C 102 -29.90 -5.74 -10.37
C GLY C 102 -30.07 -5.68 -8.87
N SER C 103 -30.02 -6.82 -8.19
CA SER C 103 -30.08 -6.82 -6.73
C SER C 103 -28.91 -6.06 -6.12
N GLU C 104 -27.84 -5.83 -6.88
CA GLU C 104 -26.68 -5.07 -6.43
C GLU C 104 -26.56 -3.73 -7.14
N GLY C 105 -27.67 -3.20 -7.65
CA GLY C 105 -27.68 -1.89 -8.26
C GLY C 105 -26.93 -1.79 -9.55
N PHE C 106 -26.74 -2.90 -10.27
CA PHE C 106 -25.95 -2.93 -11.50
C PHE C 106 -24.61 -2.22 -11.30
N ALA C 107 -24.05 -2.32 -10.09
CA ALA C 107 -22.84 -1.60 -9.76
C ALA C 107 -21.67 -2.08 -10.59
N MET C 108 -20.85 -1.14 -11.06
CA MET C 108 -19.66 -1.46 -11.84
C MET C 108 -18.57 -1.89 -10.85
N ASP C 109 -18.48 -3.21 -10.63
CA ASP C 109 -17.67 -3.76 -9.55
C ASP C 109 -16.25 -4.11 -9.95
N TYR C 110 -15.99 -4.35 -11.24
CA TYR C 110 -14.64 -4.67 -11.70
C TYR C 110 -14.28 -3.78 -12.88
N TRP C 111 -13.15 -3.08 -12.77
CA TRP C 111 -12.74 -2.08 -13.74
C TRP C 111 -11.43 -2.49 -14.40
N GLY C 112 -11.26 -2.06 -15.66
CA GLY C 112 -9.99 -2.18 -16.32
C GLY C 112 -9.04 -1.06 -15.92
N GLN C 113 -7.77 -1.22 -16.26
CA GLN C 113 -6.78 -0.23 -15.86
C GLN C 113 -6.90 1.07 -16.64
N GLY C 114 -7.77 1.12 -17.64
CA GLY C 114 -7.93 2.31 -18.46
C GLY C 114 -7.00 2.32 -19.65
N THR C 115 -7.50 2.89 -20.75
CA THR C 115 -6.74 3.02 -21.99
C THR C 115 -6.64 4.50 -22.34
N SER C 116 -5.42 5.00 -22.43
CA SER C 116 -5.18 6.39 -22.80
C SER C 116 -5.21 6.55 -24.31
N VAL C 117 -6.13 7.35 -24.81
CA VAL C 117 -6.23 7.68 -26.23
C VAL C 117 -5.90 9.15 -26.39
N THR C 118 -4.75 9.43 -27.02
CA THR C 118 -4.29 10.79 -27.23
C THR C 118 -4.43 11.13 -28.71
N VAL C 119 -5.15 12.21 -28.98
CA VAL C 119 -5.39 12.67 -30.34
C VAL C 119 -4.56 13.93 -30.54
N SER C 120 -3.46 13.81 -31.26
CA SER C 120 -2.53 14.91 -31.44
C SER C 120 -1.77 14.72 -32.74
N SER C 121 -1.41 15.85 -33.36
CA SER C 121 -0.58 15.85 -34.56
C SER C 121 0.87 16.14 -34.26
N ALA C 122 1.27 16.14 -32.99
CA ALA C 122 2.64 16.44 -32.62
C ALA C 122 3.56 15.28 -32.98
N LYS C 123 4.81 15.61 -33.25
CA LYS C 123 5.83 14.64 -33.61
C LYS C 123 6.64 14.23 -32.38
N THR C 124 7.18 13.02 -32.42
CA THR C 124 7.99 12.52 -31.33
C THR C 124 9.21 13.42 -31.15
N THR C 125 9.33 14.01 -29.96
CA THR C 125 10.38 14.99 -29.68
C THR C 125 11.05 14.63 -28.35
N ALA C 126 12.38 14.60 -28.36
CA ALA C 126 13.11 14.25 -27.16
C ALA C 126 13.11 15.42 -26.17
N PRO C 127 13.17 15.14 -24.87
CA PRO C 127 13.18 16.22 -23.88
C PRO C 127 14.53 16.91 -23.79
N SER C 128 14.48 18.22 -23.59
CA SER C 128 15.67 18.99 -23.24
C SER C 128 15.76 19.06 -21.71
N VAL C 129 16.80 18.46 -21.15
CA VAL C 129 16.95 18.34 -19.71
C VAL C 129 17.96 19.39 -19.24
N PHE C 130 17.55 20.23 -18.30
CA PHE C 130 18.37 21.33 -17.82
C PHE C 130 18.54 21.23 -16.31
N PRO C 131 19.75 21.19 -15.77
CA PRO C 131 19.91 21.22 -14.31
C PRO C 131 19.67 22.61 -13.76
N LEU C 132 19.07 22.66 -12.57
CA LEU C 132 18.74 23.91 -11.90
C LEU C 132 19.56 23.98 -10.62
N ALA C 133 20.74 24.60 -10.70
CA ALA C 133 21.57 24.74 -9.52
C ALA C 133 21.21 26.01 -8.76
N PRO C 134 21.26 26.00 -7.43
CA PRO C 134 20.84 27.19 -6.67
C PRO C 134 21.68 28.40 -7.03
N VAL C 135 21.01 29.52 -7.29
CA VAL C 135 21.72 30.79 -7.45
C VAL C 135 22.51 31.05 -6.18
N CYS C 136 23.78 31.44 -6.34
CA CYS C 136 24.68 31.60 -5.20
C CYS C 136 24.03 32.41 -4.08
N GLY C 137 23.42 33.54 -4.44
CA GLY C 137 22.73 34.35 -3.47
C GLY C 137 21.45 33.70 -2.99
N ASP C 138 21.58 32.72 -2.10
CA ASP C 138 20.46 31.94 -1.61
C ASP C 138 20.04 32.32 -0.20
N THR C 139 20.72 33.29 0.42
CA THR C 139 20.51 33.65 1.83
C THR C 139 20.84 32.51 2.77
N THR C 140 21.50 31.47 2.29
CA THR C 140 21.99 30.35 3.11
C THR C 140 20.82 29.77 3.91
N GLY C 141 21.10 29.32 5.13
CA GLY C 141 20.10 28.62 5.92
C GLY C 141 20.12 27.12 5.65
N SER C 142 19.73 26.35 6.66
CA SER C 142 19.68 24.90 6.51
C SER C 142 18.78 24.53 5.34
N SER C 143 19.08 23.36 4.76
CA SER C 143 18.34 22.86 3.60
C SER C 143 18.88 23.59 2.38
N VAL C 144 18.77 22.95 1.21
CA VAL C 144 19.13 23.57 -0.07
C VAL C 144 18.25 22.82 -1.06
N THR C 145 17.57 23.56 -1.92
CA THR C 145 16.65 22.98 -2.89
C THR C 145 17.30 23.01 -4.28
N LEU C 146 17.29 21.86 -4.95
CA LEU C 146 17.77 21.73 -6.31
C LEU C 146 16.62 21.31 -7.22
N GLY C 147 16.81 21.52 -8.52
CA GLY C 147 15.75 21.27 -9.48
C GLY C 147 16.27 20.61 -10.74
N CYS C 148 15.32 20.20 -11.58
CA CYS C 148 15.61 19.61 -12.88
C CYS C 148 14.44 19.89 -13.81
N LEU C 149 14.74 20.45 -14.98
CA LEU C 149 13.72 20.89 -15.92
C LEU C 149 13.72 19.95 -17.12
N VAL C 150 12.56 19.35 -17.39
CA VAL C 150 12.36 18.46 -18.53
C VAL C 150 11.42 19.18 -19.48
N LYS C 151 11.97 19.74 -20.56
CA LYS C 151 11.26 20.69 -21.40
C LYS C 151 11.12 20.20 -22.83
N GLY C 152 9.93 20.36 -23.39
CA GLY C 152 9.69 20.15 -24.80
C GLY C 152 9.86 18.73 -25.30
N TYR C 153 9.04 17.81 -24.80
CA TYR C 153 9.06 16.43 -25.27
C TYR C 153 7.64 15.99 -25.66
N PHE C 154 7.58 14.89 -26.39
CA PHE C 154 6.32 14.29 -26.82
C PHE C 154 6.61 12.92 -27.43
N PRO C 155 5.76 11.92 -27.19
CA PRO C 155 4.60 11.93 -26.29
C PRO C 155 5.00 11.62 -24.85
N GLU C 156 4.01 11.49 -23.98
CA GLU C 156 4.27 10.99 -22.65
C GLU C 156 4.53 9.49 -22.71
N PRO C 157 5.13 8.90 -21.66
CA PRO C 157 5.64 9.52 -20.45
C PRO C 157 7.16 9.66 -20.42
N VAL C 158 7.65 10.35 -19.40
CA VAL C 158 9.06 10.30 -19.04
C VAL C 158 9.15 9.76 -17.62
N THR C 159 10.35 9.33 -17.24
CA THR C 159 10.64 8.88 -15.89
C THR C 159 11.83 9.67 -15.37
N LEU C 160 11.64 10.37 -14.26
CA LEU C 160 12.69 11.18 -13.65
C LEU C 160 13.08 10.53 -12.33
N THR C 161 14.40 10.43 -12.10
CA THR C 161 14.92 9.94 -10.83
C THR C 161 16.08 10.81 -10.40
N TRP C 162 16.36 10.79 -9.10
CA TRP C 162 17.49 11.51 -8.53
C TRP C 162 18.52 10.51 -8.02
N ASN C 163 19.77 10.66 -8.49
CA ASN C 163 20.83 9.72 -8.15
C ASN C 163 20.42 8.28 -8.45
N SER C 164 19.83 8.09 -9.63
CA SER C 164 19.44 6.77 -10.10
C SER C 164 18.48 6.07 -9.14
N GLY C 165 17.66 6.85 -8.44
CA GLY C 165 16.68 6.29 -7.52
C GLY C 165 17.13 6.19 -6.08
N SER C 166 18.40 6.53 -5.78
CA SER C 166 18.85 6.48 -4.40
C SER C 166 18.28 7.64 -3.59
N LEU C 167 18.18 8.82 -4.20
CA LEU C 167 17.68 10.02 -3.54
C LEU C 167 16.20 10.16 -3.87
N SER C 168 15.34 9.97 -2.87
CA SER C 168 13.90 10.00 -3.11
C SER C 168 13.09 10.58 -1.96
N SER C 169 13.70 10.96 -0.84
CA SER C 169 12.94 11.41 0.30
C SER C 169 12.26 12.75 0.01
N GLY C 170 13.01 13.85 0.09
CA GLY C 170 12.45 15.17 -0.11
C GLY C 170 12.37 15.57 -1.57
N VAL C 171 11.69 14.76 -2.37
CA VAL C 171 11.57 15.00 -3.81
C VAL C 171 10.14 15.43 -4.12
N HIS C 172 10.01 16.31 -5.10
CA HIS C 172 8.72 16.72 -5.64
C HIS C 172 8.81 16.70 -7.16
N THR C 173 8.19 15.70 -7.79
CA THR C 173 8.11 15.62 -9.24
C THR C 173 6.71 16.06 -9.66
N PHE C 174 6.64 17.17 -10.39
CA PHE C 174 5.37 17.80 -10.71
C PHE C 174 4.78 17.23 -12.00
N PRO C 175 3.46 17.08 -12.10
CA PRO C 175 2.87 16.53 -13.33
C PRO C 175 3.28 17.33 -14.56
N ALA C 176 3.17 16.68 -15.71
CA ALA C 176 3.50 17.32 -16.97
C ALA C 176 2.36 18.23 -17.42
N VAL C 177 2.74 19.35 -18.01
CA VAL C 177 1.77 20.33 -18.53
C VAL C 177 2.05 20.54 -20.01
N LEU C 178 0.99 20.73 -20.78
CA LEU C 178 1.05 20.81 -22.23
C LEU C 178 0.86 22.24 -22.68
N GLN C 179 1.69 22.69 -23.61
CA GLN C 179 1.50 23.99 -24.24
C GLN C 179 2.31 24.02 -25.53
N SER C 180 1.68 24.49 -26.61
CA SER C 180 2.26 24.52 -27.95
C SER C 180 2.39 23.12 -28.56
N GLY C 181 1.82 22.10 -27.91
CA GLY C 181 1.87 20.74 -28.41
C GLY C 181 2.90 19.85 -27.76
N LEU C 182 3.77 20.41 -26.92
CA LEU C 182 4.84 19.65 -26.28
C LEU C 182 4.67 19.70 -24.76
N TYR C 183 5.14 18.65 -24.10
CA TYR C 183 5.00 18.51 -22.66
C TYR C 183 6.21 19.08 -21.93
N THR C 184 5.99 19.50 -20.70
CA THR C 184 7.05 20.04 -19.85
C THR C 184 6.73 19.69 -18.41
N LEU C 185 7.70 19.14 -17.70
CA LEU C 185 7.58 18.92 -16.26
C LEU C 185 8.86 19.31 -15.58
N SER C 186 8.76 19.50 -14.27
CA SER C 186 9.91 19.86 -13.43
C SER C 186 9.96 18.92 -12.23
N SER C 187 11.09 18.94 -11.54
CA SER C 187 11.26 18.14 -10.34
C SER C 187 12.26 18.85 -9.43
N SER C 188 11.93 18.94 -8.15
CA SER C 188 12.81 19.54 -7.15
C SER C 188 13.17 18.50 -6.10
N VAL C 189 14.29 18.74 -5.44
CA VAL C 189 14.76 17.89 -4.34
C VAL C 189 15.43 18.79 -3.32
N THR C 190 15.09 18.59 -2.05
CA THR C 190 15.65 19.38 -0.96
C THR C 190 16.47 18.47 -0.06
N VAL C 191 17.76 18.78 0.07
CA VAL C 191 18.67 17.99 0.88
C VAL C 191 19.33 18.93 1.89
N THR C 192 20.19 18.38 2.75
CA THR C 192 20.89 19.21 3.72
C THR C 192 21.96 20.02 3.04
N SER C 193 22.12 21.27 3.48
CA SER C 193 23.03 22.20 2.81
C SER C 193 24.47 21.68 2.82
N SER C 194 24.84 20.86 3.80
CA SER C 194 26.22 20.39 3.90
C SER C 194 26.51 19.20 2.98
N THR C 195 25.49 18.45 2.57
CA THR C 195 25.72 17.29 1.72
C THR C 195 26.15 17.73 0.32
N TRP C 196 25.44 18.69 -0.27
CA TRP C 196 25.73 19.18 -1.61
C TRP C 196 26.59 20.44 -1.52
N PRO C 197 27.59 20.63 -2.41
CA PRO C 197 28.00 19.76 -3.52
C PRO C 197 29.03 18.70 -3.16
N SER C 198 29.37 18.57 -1.86
CA SER C 198 30.36 17.57 -1.46
C SER C 198 29.92 16.17 -1.89
N GLN C 199 28.63 15.91 -1.91
CA GLN C 199 28.08 14.64 -2.37
C GLN C 199 27.35 14.85 -3.69
N SER C 200 27.44 13.85 -4.57
CA SER C 200 26.92 13.98 -5.92
C SER C 200 25.41 13.86 -5.94
N ILE C 201 24.75 14.79 -6.64
CA ILE C 201 23.32 14.73 -6.88
C ILE C 201 23.10 14.89 -8.38
N THR C 202 22.52 13.86 -9.01
CA THR C 202 22.33 13.82 -10.45
C THR C 202 20.86 13.60 -10.79
N CYS C 203 20.41 14.25 -11.85
CA CYS C 203 19.05 14.11 -12.35
C CYS C 203 19.06 13.16 -13.54
N ASN C 204 18.35 12.04 -13.42
CA ASN C 204 18.27 11.03 -14.48
C ASN C 204 16.89 11.08 -15.10
N VAL C 205 16.85 11.31 -16.41
CA VAL C 205 15.60 11.41 -17.16
C VAL C 205 15.62 10.40 -18.30
N ALA C 206 14.46 9.80 -18.57
CA ALA C 206 14.32 8.84 -19.65
C ALA C 206 13.02 9.10 -20.39
N HIS C 207 13.11 9.15 -21.72
CA HIS C 207 11.95 9.30 -22.60
C HIS C 207 11.98 8.14 -23.59
N PRO C 208 11.31 7.03 -23.30
CA PRO C 208 11.44 5.84 -24.18
C PRO C 208 11.02 6.10 -25.62
N ALA C 209 10.02 6.95 -25.85
CA ALA C 209 9.53 7.16 -27.21
C ALA C 209 10.62 7.63 -28.14
N SER C 210 11.60 8.38 -27.62
CA SER C 210 12.72 8.88 -28.43
C SER C 210 14.02 8.15 -28.11
N SER C 211 13.98 7.11 -27.29
CA SER C 211 15.16 6.34 -26.93
C SER C 211 16.26 7.25 -26.37
N THR C 212 15.88 8.12 -25.44
CA THR C 212 16.81 9.02 -24.77
C THR C 212 16.99 8.60 -23.32
N LYS C 213 18.23 8.66 -22.85
CA LYS C 213 18.57 8.31 -21.46
C LYS C 213 19.72 9.23 -21.06
N VAL C 214 19.38 10.35 -20.43
CA VAL C 214 20.36 11.39 -20.12
C VAL C 214 20.47 11.54 -18.61
N ASP C 215 21.67 11.93 -18.16
CA ASP C 215 21.92 12.27 -16.77
C ASP C 215 22.53 13.66 -16.72
N LYS C 216 22.10 14.46 -15.74
CA LYS C 216 22.56 15.83 -15.59
C LYS C 216 23.03 16.03 -14.15
N LYS C 217 24.34 15.97 -13.95
CA LYS C 217 24.92 16.30 -12.66
C LYS C 217 24.78 17.78 -12.38
N LEU C 218 24.46 18.13 -11.14
CA LEU C 218 24.25 19.51 -10.75
C LEU C 218 25.54 20.09 -10.18
N VAL C 219 26.04 21.15 -10.80
CA VAL C 219 27.25 21.83 -10.33
C VAL C 219 26.85 23.22 -9.84
N PRO C 220 27.44 23.74 -8.76
CA PRO C 220 26.99 25.03 -8.22
C PRO C 220 27.32 26.23 -9.09
N ARG C 221 26.91 26.19 -10.36
CA ARG C 221 27.14 27.30 -11.29
C ARG C 221 28.58 27.81 -11.22
N ASP D 1 -32.26 12.21 -19.19
CA ASP D 1 -31.44 11.44 -18.26
C ASP D 1 -31.59 11.97 -16.83
N ILE D 2 -31.51 11.05 -15.86
CA ILE D 2 -31.54 11.44 -14.46
C ILE D 2 -30.25 12.17 -14.13
N VAL D 3 -30.38 13.33 -13.48
CA VAL D 3 -29.25 14.19 -13.16
C VAL D 3 -28.91 14.01 -11.68
N LEU D 4 -27.65 13.67 -11.40
CA LEU D 4 -27.16 13.55 -10.04
C LEU D 4 -26.33 14.79 -9.72
N THR D 5 -26.72 15.51 -8.67
CA THR D 5 -26.06 16.74 -8.26
C THR D 5 -25.42 16.50 -6.90
N GLN D 6 -24.09 16.60 -6.85
CA GLN D 6 -23.34 16.37 -5.62
C GLN D 6 -22.98 17.69 -4.97
N SER D 7 -22.95 17.69 -3.64
CA SER D 7 -22.54 18.86 -2.88
C SER D 7 -21.86 18.39 -1.60
N PRO D 8 -20.79 19.07 -1.16
CA PRO D 8 -20.16 20.21 -1.83
C PRO D 8 -19.31 19.79 -3.03
N ALA D 9 -18.85 20.76 -3.81
CA ALA D 9 -17.94 20.45 -4.92
C ALA D 9 -16.61 19.94 -4.39
N SER D 10 -16.12 20.52 -3.29
CA SER D 10 -14.88 20.09 -2.68
C SER D 10 -15.00 20.25 -1.17
N LEU D 11 -14.28 19.41 -0.43
CA LEU D 11 -14.40 19.35 1.02
C LEU D 11 -13.05 19.06 1.63
N ALA D 12 -12.75 19.76 2.72
CA ALA D 12 -11.54 19.51 3.51
C ALA D 12 -11.96 19.05 4.90
N VAL D 13 -11.39 17.94 5.36
CA VAL D 13 -11.77 17.32 6.62
C VAL D 13 -10.50 17.00 7.40
N SER D 14 -10.42 17.49 8.64
CA SER D 14 -9.28 17.20 9.49
C SER D 14 -9.16 15.69 9.72
N LEU D 15 -7.93 15.22 9.92
CA LEU D 15 -7.68 13.80 10.09
C LEU D 15 -8.52 13.25 11.24
N GLY D 16 -9.18 12.12 10.98
CA GLY D 16 -9.98 11.45 11.98
C GLY D 16 -11.40 11.95 12.10
N GLN D 17 -11.73 13.05 11.44
CA GLN D 17 -13.08 13.62 11.53
C GLN D 17 -13.99 12.98 10.50
N ARG D 18 -15.23 13.44 10.46
CA ARG D 18 -16.26 12.86 9.62
C ARG D 18 -16.44 13.67 8.36
N ALA D 19 -16.41 12.99 7.21
CA ALA D 19 -16.76 13.59 5.93
C ALA D 19 -18.15 13.12 5.53
N THR D 20 -18.97 14.06 5.06
CA THR D 20 -20.35 13.74 4.66
C THR D 20 -20.64 14.44 3.34
N ILE D 21 -20.80 13.64 2.28
CA ILE D 21 -21.11 14.14 0.94
C ILE D 21 -22.59 13.89 0.66
N SER D 22 -23.19 14.76 -0.14
CA SER D 22 -24.57 14.63 -0.56
C SER D 22 -24.65 14.34 -2.06
N CYS D 23 -25.69 13.60 -2.45
CA CYS D 23 -25.99 13.31 -3.85
C CYS D 23 -27.50 13.40 -4.02
N ARG D 24 -27.96 14.44 -4.72
CA ARG D 24 -29.39 14.66 -4.94
C ARG D 24 -29.72 14.28 -6.37
N ALA D 25 -30.67 13.36 -6.52
CA ALA D 25 -31.13 12.94 -7.84
C ALA D 25 -32.35 13.74 -8.26
N SER D 26 -32.42 14.08 -9.55
CA SER D 26 -33.56 14.84 -10.05
C SER D 26 -34.84 14.01 -9.99
N GLU D 27 -34.74 12.71 -10.16
CA GLU D 27 -35.87 11.79 -10.05
C GLU D 27 -35.56 10.74 -9.00
N SER D 28 -36.58 9.97 -8.62
CA SER D 28 -36.37 8.86 -7.71
C SER D 28 -35.52 7.79 -8.39
N VAL D 29 -34.44 7.39 -7.72
CA VAL D 29 -33.56 6.34 -8.22
C VAL D 29 -34.01 4.95 -7.77
N ASP D 30 -34.94 4.87 -6.82
CA ASP D 30 -35.37 3.57 -6.31
C ASP D 30 -36.26 2.86 -7.32
N ASN D 31 -36.40 1.55 -7.13
CA ASN D 31 -37.29 0.74 -7.96
C ASN D 31 -37.45 -0.65 -7.36
N TYR D 32 -38.68 -0.98 -6.96
CA TYR D 32 -39.02 -2.31 -6.43
C TYR D 32 -38.15 -2.66 -5.22
N GLY D 33 -38.02 -1.70 -4.31
CA GLY D 33 -37.31 -1.93 -3.07
C GLY D 33 -35.80 -1.84 -3.15
N ILE D 34 -35.25 -1.42 -4.29
CA ILE D 34 -33.81 -1.32 -4.48
C ILE D 34 -33.48 0.12 -4.84
N SER D 35 -32.37 0.62 -4.28
CA SER D 35 -31.83 1.92 -4.65
C SER D 35 -30.74 1.70 -5.68
N PHE D 36 -31.02 2.08 -6.93
CA PHE D 36 -30.05 1.93 -8.02
C PHE D 36 -29.08 3.11 -8.03
N LEU D 37 -28.39 3.26 -6.90
CA LEU D 37 -27.47 4.36 -6.67
C LEU D 37 -26.18 3.77 -6.10
N ASN D 38 -25.04 4.15 -6.68
CA ASN D 38 -23.75 3.57 -6.31
C ASN D 38 -22.74 4.69 -6.13
N TRP D 39 -21.75 4.44 -5.28
CA TRP D 39 -20.67 5.38 -5.00
C TRP D 39 -19.34 4.79 -5.47
N PHE D 40 -18.53 5.63 -6.11
CA PHE D 40 -17.22 5.23 -6.61
C PHE D 40 -16.15 6.14 -6.05
N GLN D 41 -14.98 5.55 -5.76
CA GLN D 41 -13.82 6.27 -5.26
C GLN D 41 -12.73 6.22 -6.32
N GLN D 42 -12.11 7.38 -6.58
CA GLN D 42 -11.01 7.46 -7.54
C GLN D 42 -9.90 8.31 -6.94
N LYS D 43 -8.76 7.67 -6.64
CA LYS D 43 -7.59 8.37 -6.15
C LYS D 43 -6.73 8.84 -7.31
N PRO D 44 -5.83 9.79 -7.07
CA PRO D 44 -5.03 10.35 -8.18
C PRO D 44 -4.30 9.26 -8.97
N GLY D 45 -4.52 9.27 -10.28
CA GLY D 45 -3.83 8.37 -11.18
C GLY D 45 -4.30 6.93 -11.16
N GLN D 46 -5.44 6.64 -10.53
CA GLN D 46 -5.95 5.29 -10.43
C GLN D 46 -7.29 5.16 -11.15
N PRO D 47 -7.67 3.96 -11.57
CA PRO D 47 -9.01 3.77 -12.11
C PRO D 47 -10.05 3.90 -11.01
N PRO D 48 -11.29 4.25 -11.33
CA PRO D 48 -12.34 4.28 -10.31
C PRO D 48 -12.50 2.92 -9.65
N LYS D 49 -13.03 2.94 -8.43
CA LYS D 49 -13.25 1.73 -7.65
C LYS D 49 -14.64 1.78 -7.04
N LEU D 50 -15.32 0.63 -7.05
CA LEU D 50 -16.64 0.54 -6.43
C LEU D 50 -16.51 0.66 -4.92
N LEU D 51 -17.16 1.68 -4.35
CA LEU D 51 -17.13 1.92 -2.92
C LEU D 51 -18.39 1.40 -2.23
N ILE D 52 -19.54 1.97 -2.58
CA ILE D 52 -20.83 1.55 -2.05
C ILE D 52 -21.73 1.18 -3.23
N TYR D 53 -22.44 0.07 -3.09
CA TYR D 53 -23.42 -0.34 -4.09
C TYR D 53 -24.79 -0.45 -3.45
N ALA D 54 -25.82 -0.20 -4.26
CA ALA D 54 -27.21 -0.23 -3.80
C ALA D 54 -27.39 0.67 -2.58
N ALA D 55 -26.73 1.84 -2.63
CA ALA D 55 -26.93 2.92 -1.66
C ALA D 55 -26.22 2.68 -0.33
N SER D 56 -26.29 1.47 0.22
CA SER D 56 -25.88 1.26 1.60
C SER D 56 -25.00 0.02 1.81
N ASN D 57 -24.53 -0.62 0.74
CA ASN D 57 -23.80 -1.87 0.86
C ASN D 57 -22.31 -1.65 0.57
N GLN D 58 -21.46 -2.13 1.47
CA GLN D 58 -20.02 -1.98 1.32
C GLN D 58 -19.55 -2.77 0.10
N GLY D 59 -18.75 -2.13 -0.75
CA GLY D 59 -18.07 -2.84 -1.81
C GLY D 59 -17.08 -3.85 -1.26
N SER D 60 -16.62 -4.72 -2.15
CA SER D 60 -15.64 -5.74 -1.74
C SER D 60 -14.36 -5.05 -1.27
N GLY D 61 -13.86 -5.49 -0.11
CA GLY D 61 -12.65 -4.91 0.46
C GLY D 61 -12.79 -3.48 0.94
N VAL D 62 -14.00 -2.95 1.03
CA VAL D 62 -14.24 -1.58 1.47
C VAL D 62 -14.44 -1.61 2.98
N PRO D 63 -13.61 -0.94 3.77
CA PRO D 63 -13.77 -1.00 5.23
C PRO D 63 -15.00 -0.26 5.70
N ALA D 64 -15.36 -0.52 6.96
CA ALA D 64 -16.62 -0.03 7.52
C ALA D 64 -16.64 1.48 7.70
N ARG D 65 -15.48 2.14 7.73
CA ARG D 65 -15.49 3.59 7.91
C ARG D 65 -16.15 4.31 6.75
N PHE D 66 -16.39 3.63 5.63
CA PHE D 66 -17.20 4.16 4.54
C PHE D 66 -18.63 3.66 4.71
N SER D 67 -19.58 4.59 4.69
CA SER D 67 -20.98 4.25 4.91
C SER D 67 -21.85 5.04 3.94
N GLY D 68 -22.77 4.34 3.28
CA GLY D 68 -23.75 4.96 2.40
C GLY D 68 -25.13 4.80 2.98
N SER D 69 -25.97 5.82 2.78
CA SER D 69 -27.35 5.79 3.27
C SER D 69 -28.20 6.66 2.36
N GLY D 70 -29.50 6.57 2.56
CA GLY D 70 -30.46 7.34 1.79
C GLY D 70 -31.32 6.44 0.91
N SER D 71 -32.27 7.08 0.25
CA SER D 71 -33.20 6.41 -0.66
C SER D 71 -33.98 7.49 -1.40
N GLY D 72 -34.69 7.06 -2.43
CA GLY D 72 -35.50 7.97 -3.22
C GLY D 72 -34.68 8.96 -4.02
N THR D 73 -34.50 10.17 -3.50
CA THR D 73 -33.78 11.22 -4.21
C THR D 73 -32.55 11.73 -3.50
N TYR D 74 -32.39 11.47 -2.21
CA TYR D 74 -31.25 11.96 -1.44
C TYR D 74 -30.41 10.80 -0.95
N PHE D 75 -29.10 10.90 -1.15
CA PHE D 75 -28.15 9.90 -0.69
C PHE D 75 -26.94 10.60 -0.10
N SER D 76 -26.29 9.94 0.85
CA SER D 76 -25.14 10.54 1.52
C SER D 76 -24.07 9.48 1.72
N LEU D 77 -22.82 9.91 1.54
CA LEU D 77 -21.65 9.08 1.80
C LEU D 77 -20.95 9.59 3.05
N ASN D 78 -20.46 8.67 3.86
CA ASN D 78 -19.87 9.00 5.15
C ASN D 78 -18.50 8.35 5.25
N ILE D 79 -17.51 9.11 5.70
CA ILE D 79 -16.15 8.62 5.92
C ILE D 79 -15.77 8.99 7.34
N HIS D 80 -15.60 7.99 8.21
CA HIS D 80 -15.31 8.28 9.61
C HIS D 80 -14.62 7.08 10.25
N PRO D 81 -13.34 7.19 10.63
CA PRO D 81 -12.48 8.37 10.54
C PRO D 81 -11.93 8.65 9.14
N MET D 82 -11.85 9.92 8.78
CA MET D 82 -11.16 10.32 7.56
C MET D 82 -9.67 10.08 7.72
N GLU D 83 -9.07 9.38 6.75
CA GLU D 83 -7.66 9.02 6.80
C GLU D 83 -6.93 9.60 5.60
N GLU D 84 -5.60 9.65 5.71
CA GLU D 84 -4.77 10.22 4.66
C GLU D 84 -5.05 9.55 3.31
N ASP D 85 -5.07 8.22 3.30
CA ASP D 85 -5.26 7.47 2.06
C ASP D 85 -6.65 7.62 1.47
N ASP D 86 -7.56 8.33 2.14
CA ASP D 86 -8.92 8.50 1.66
C ASP D 86 -9.10 9.75 0.82
N THR D 87 -8.05 10.57 0.67
CA THR D 87 -8.14 11.73 -0.21
C THR D 87 -8.37 11.26 -1.63
N ALA D 88 -9.45 11.75 -2.24
CA ALA D 88 -9.85 11.29 -3.56
C ALA D 88 -11.05 12.07 -4.05
N VAL D 89 -11.53 11.76 -5.24
CA VAL D 89 -12.81 12.25 -5.75
C VAL D 89 -13.82 11.13 -5.61
N TYR D 90 -15.00 11.46 -5.09
CA TYR D 90 -16.06 10.49 -4.86
C TYR D 90 -17.24 10.82 -5.75
N PHE D 91 -17.64 9.85 -6.58
CA PHE D 91 -18.73 10.02 -7.53
C PHE D 91 -19.92 9.17 -7.10
N CYS D 92 -21.11 9.75 -7.16
CA CYS D 92 -22.33 8.95 -7.11
C CYS D 92 -22.79 8.67 -8.54
N GLN D 93 -23.51 7.56 -8.70
CA GLN D 93 -23.83 7.05 -10.02
C GLN D 93 -25.12 6.26 -9.93
N GLN D 94 -26.00 6.46 -10.92
CA GLN D 94 -27.33 5.87 -10.91
C GLN D 94 -27.51 4.94 -12.10
N THR D 95 -28.22 3.83 -11.86
CA THR D 95 -28.55 2.87 -12.91
C THR D 95 -30.05 2.70 -13.07
N LYS D 96 -30.85 3.59 -12.47
CA LYS D 96 -32.30 3.50 -12.58
C LYS D 96 -32.76 3.66 -14.02
N GLY D 97 -32.40 4.79 -14.63
CA GLY D 97 -32.85 5.07 -15.98
C GLY D 97 -32.14 4.23 -17.03
N VAL D 98 -32.63 4.34 -18.27
CA VAL D 98 -32.03 3.62 -19.38
C VAL D 98 -30.59 4.06 -19.57
N SER D 99 -30.34 5.37 -19.60
CA SER D 99 -29.00 5.91 -19.72
C SER D 99 -28.43 6.18 -18.34
N TRP D 100 -27.38 5.45 -17.99
CA TRP D 100 -26.73 5.64 -16.70
C TRP D 100 -25.90 6.91 -16.72
N THR D 101 -25.82 7.56 -15.57
CA THR D 101 -25.13 8.84 -15.46
C THR D 101 -24.32 8.88 -14.18
N PHE D 102 -23.33 9.77 -14.17
CA PHE D 102 -22.51 10.04 -13.01
C PHE D 102 -22.86 11.40 -12.43
N GLY D 103 -22.63 11.56 -11.13
CA GLY D 103 -22.63 12.87 -10.53
C GLY D 103 -21.35 13.62 -10.88
N GLY D 104 -21.34 14.92 -10.55
CA GLY D 104 -20.17 15.72 -10.82
C GLY D 104 -18.95 15.33 -10.01
N GLY D 105 -19.13 14.69 -8.87
CA GLY D 105 -18.02 14.29 -8.04
C GLY D 105 -17.70 15.33 -6.97
N THR D 106 -17.20 14.83 -5.84
CA THR D 106 -16.80 15.67 -4.72
C THR D 106 -15.36 15.35 -4.37
N LYS D 107 -14.50 16.36 -4.38
CA LYS D 107 -13.10 16.20 -4.04
C LYS D 107 -12.94 16.35 -2.53
N VAL D 108 -12.41 15.31 -1.89
CA VAL D 108 -12.21 15.27 -0.45
C VAL D 108 -10.71 15.27 -0.17
N GLU D 109 -10.27 16.21 0.67
CA GLU D 109 -8.88 16.34 1.05
C GLU D 109 -8.78 16.42 2.56
N ILE D 110 -7.54 16.34 3.07
CA ILE D 110 -7.28 16.48 4.50
C ILE D 110 -7.14 17.96 4.84
N LYS D 111 -7.92 18.41 5.81
CA LYS D 111 -7.76 19.76 6.35
C LYS D 111 -6.53 19.77 7.27
N ARG D 112 -5.70 20.79 7.11
CA ARG D 112 -4.40 20.86 7.77
C ARG D 112 -4.17 22.27 8.28
N ALA D 113 -3.27 22.40 9.25
CA ALA D 113 -2.83 23.72 9.68
C ALA D 113 -2.21 24.47 8.49
N ASP D 114 -2.52 25.76 8.41
CA ASP D 114 -2.01 26.56 7.31
C ASP D 114 -0.49 26.59 7.33
N ALA D 115 0.11 26.48 6.15
CA ALA D 115 1.57 26.42 6.02
C ALA D 115 2.00 27.28 4.85
N ALA D 116 3.03 28.10 5.06
CA ALA D 116 3.56 28.93 4.00
C ALA D 116 4.47 28.11 3.08
N PRO D 117 4.53 28.46 1.80
CA PRO D 117 5.38 27.69 0.87
C PRO D 117 6.85 28.04 1.01
N THR D 118 7.69 27.02 0.85
CA THR D 118 9.13 27.24 0.70
C THR D 118 9.41 27.56 -0.76
N VAL D 119 9.89 28.77 -1.02
CA VAL D 119 10.02 29.28 -2.38
C VAL D 119 11.49 29.24 -2.79
N SER D 120 11.74 28.68 -3.97
CA SER D 120 13.07 28.66 -4.56
C SER D 120 12.94 29.01 -6.03
N VAL D 121 13.65 30.04 -6.47
CA VAL D 121 13.64 30.48 -7.86
C VAL D 121 15.00 30.19 -8.48
N PHE D 122 15.00 29.77 -9.73
CA PHE D 122 16.22 29.34 -10.42
C PHE D 122 16.33 30.10 -11.74
N PRO D 123 17.48 30.70 -12.04
CA PRO D 123 17.68 31.31 -13.36
C PRO D 123 17.84 30.24 -14.42
N PRO D 124 17.80 30.62 -15.70
CA PRO D 124 18.09 29.65 -16.76
C PRO D 124 19.46 29.02 -16.57
N SER D 125 19.54 27.73 -16.87
CA SER D 125 20.82 27.04 -16.82
C SER D 125 21.72 27.52 -17.96
N SER D 126 23.02 27.34 -17.77
CA SER D 126 23.96 27.71 -18.82
C SER D 126 23.75 26.87 -20.08
N GLU D 127 23.34 25.60 -19.92
CA GLU D 127 23.08 24.76 -21.08
C GLU D 127 21.94 25.31 -21.91
N GLN D 128 20.84 25.72 -21.25
CA GLN D 128 19.71 26.27 -21.99
C GLN D 128 20.08 27.57 -22.69
N LEU D 129 20.79 28.46 -22.00
CA LEU D 129 21.21 29.71 -22.62
C LEU D 129 22.16 29.46 -23.78
N THR D 130 23.04 28.48 -23.65
CA THR D 130 23.92 28.12 -24.76
C THR D 130 23.12 27.58 -25.93
N SER D 131 21.97 26.93 -25.67
CA SER D 131 21.14 26.39 -26.73
C SER D 131 20.21 27.41 -27.35
N GLY D 132 20.01 28.55 -26.69
CA GLY D 132 19.18 29.62 -27.23
C GLY D 132 17.87 29.84 -26.52
N GLY D 133 17.60 29.14 -25.42
CA GLY D 133 16.37 29.28 -24.68
C GLY D 133 16.59 29.94 -23.33
N ALA D 134 15.48 30.24 -22.66
CA ALA D 134 15.52 30.88 -21.35
C ALA D 134 14.25 30.51 -20.60
N SER D 135 14.40 29.77 -19.51
CA SER D 135 13.29 29.43 -18.62
C SER D 135 13.67 29.78 -17.19
N VAL D 136 12.78 30.47 -16.49
CA VAL D 136 12.93 30.75 -15.07
C VAL D 136 11.92 29.87 -14.33
N VAL D 137 12.42 29.05 -13.41
CA VAL D 137 11.60 28.09 -12.67
C VAL D 137 11.45 28.58 -11.24
N CYS D 138 10.27 28.36 -10.67
CA CYS D 138 9.99 28.73 -9.29
C CYS D 138 9.21 27.62 -8.62
N PHE D 139 9.80 26.99 -7.60
CA PHE D 139 9.12 25.98 -6.81
C PHE D 139 8.50 26.63 -5.58
N LEU D 140 7.32 26.14 -5.21
CA LEU D 140 6.65 26.57 -3.97
C LEU D 140 6.17 25.29 -3.28
N ASN D 141 6.96 24.80 -2.34
CA ASN D 141 6.79 23.46 -1.80
C ASN D 141 6.20 23.48 -0.39
N ASN D 142 5.38 22.47 -0.12
CA ASN D 142 4.86 22.20 1.22
C ASN D 142 4.12 23.41 1.80
N PHE D 143 2.91 23.65 1.31
CA PHE D 143 2.06 24.72 1.80
C PHE D 143 0.63 24.22 1.89
N TYR D 144 -0.20 24.97 2.63
CA TYR D 144 -1.61 24.65 2.76
C TYR D 144 -2.33 25.94 3.16
N PRO D 145 -3.53 26.21 2.62
CA PRO D 145 -4.32 25.41 1.67
C PRO D 145 -3.78 25.41 0.24
N ARG D 146 -4.37 24.58 -0.61
CA ARG D 146 -3.96 24.49 -2.00
C ARG D 146 -4.11 25.82 -2.70
N ASP D 147 -5.12 26.61 -2.34
CA ASP D 147 -5.38 27.89 -2.98
C ASP D 147 -4.18 28.81 -2.85
N ILE D 148 -3.47 29.02 -3.96
CA ILE D 148 -2.32 29.91 -4.01
C ILE D 148 -2.29 30.58 -5.38
N ASN D 149 -1.72 31.78 -5.43
CA ASN D 149 -1.62 32.56 -6.65
C ASN D 149 -0.17 33.00 -6.86
N VAL D 150 0.40 32.61 -7.99
CA VAL D 150 1.76 32.98 -8.35
C VAL D 150 1.69 34.12 -9.37
N LYS D 151 2.58 35.09 -9.22
CA LYS D 151 2.65 36.25 -10.10
C LYS D 151 4.10 36.49 -10.48
N TRP D 152 4.37 36.52 -11.78
CA TRP D 152 5.71 36.77 -12.30
C TRP D 152 5.85 38.24 -12.68
N LYS D 153 6.95 38.86 -12.23
CA LYS D 153 7.20 40.27 -12.50
C LYS D 153 8.61 40.42 -13.05
N ILE D 154 8.73 41.13 -14.17
CA ILE D 154 10.00 41.41 -14.82
C ILE D 154 10.26 42.90 -14.71
N ASP D 155 11.29 43.28 -13.96
CA ASP D 155 11.61 44.68 -13.72
C ASP D 155 10.39 45.44 -13.19
N GLY D 156 9.64 44.79 -12.31
CA GLY D 156 8.47 45.39 -11.70
C GLY D 156 7.20 45.33 -12.53
N SER D 157 7.24 44.70 -13.70
CA SER D 157 6.08 44.63 -14.59
C SER D 157 5.61 43.19 -14.66
N GLU D 158 4.33 42.98 -14.35
CA GLU D 158 3.76 41.63 -14.39
C GLU D 158 3.81 41.07 -15.80
N ARG D 159 4.03 39.76 -15.89
CA ARG D 159 3.94 39.04 -17.15
C ARG D 159 3.11 37.78 -16.94
N GLN D 160 2.18 37.53 -17.86
CA GLN D 160 1.30 36.37 -17.79
C GLN D 160 1.48 35.38 -18.91
N ASN D 161 2.02 35.80 -20.05
CA ASN D 161 2.23 34.91 -21.18
C ASN D 161 3.47 34.05 -20.97
N GLY D 162 3.40 32.80 -21.41
CA GLY D 162 4.52 31.89 -21.29
C GLY D 162 4.77 31.40 -19.88
N VAL D 163 3.71 31.20 -19.10
CA VAL D 163 3.82 30.72 -17.72
C VAL D 163 3.12 29.38 -17.64
N LEU D 164 3.84 28.36 -17.19
CA LEU D 164 3.29 27.02 -16.99
C LEU D 164 3.27 26.70 -15.51
N ASN D 165 2.12 26.24 -15.02
CA ASN D 165 1.94 25.90 -13.62
C ASN D 165 1.50 24.46 -13.47
N SER D 166 1.95 23.83 -12.39
CA SER D 166 1.64 22.42 -12.14
C SER D 166 1.65 22.18 -10.64
N TRP D 167 0.61 21.52 -10.15
CA TRP D 167 0.48 21.20 -8.73
C TRP D 167 0.64 19.70 -8.53
N THR D 168 1.17 19.34 -7.37
CA THR D 168 1.24 17.94 -6.97
C THR D 168 -0.05 17.57 -6.23
N ASP D 169 -0.27 16.26 -6.10
CA ASP D 169 -1.35 15.78 -5.25
C ASP D 169 -1.01 16.02 -3.78
N GLN D 170 -2.03 15.99 -2.94
CA GLN D 170 -1.81 16.23 -1.52
C GLN D 170 -0.86 15.19 -0.96
N ASP D 171 0.24 15.65 -0.36
CA ASP D 171 1.23 14.74 0.19
C ASP D 171 0.60 13.87 1.27
N SER D 172 0.77 12.56 1.13
CA SER D 172 0.09 11.60 2.01
C SER D 172 0.74 11.48 3.37
N LYS D 173 1.78 12.25 3.66
CA LYS D 173 2.48 12.18 4.94
C LYS D 173 2.32 13.44 5.79
N ASP D 174 2.34 14.62 5.18
CA ASP D 174 2.12 15.87 5.90
C ASP D 174 0.95 16.67 5.35
N SER D 175 0.24 16.15 4.34
CA SER D 175 -1.00 16.75 3.85
C SER D 175 -0.80 18.13 3.22
N THR D 176 0.41 18.43 2.76
CA THR D 176 0.69 19.70 2.11
C THR D 176 0.61 19.56 0.59
N TYR D 177 0.66 20.70 -0.08
CA TYR D 177 0.70 20.77 -1.53
C TYR D 177 1.99 21.44 -1.98
N SER D 178 2.38 21.18 -3.22
CA SER D 178 3.55 21.82 -3.82
C SER D 178 3.20 22.27 -5.24
N MET D 179 3.83 23.36 -5.67
CA MET D 179 3.56 23.95 -6.97
C MET D 179 4.87 24.33 -7.65
N SER D 180 4.87 24.20 -8.98
CA SER D 180 6.00 24.63 -9.80
C SER D 180 5.49 25.57 -10.87
N SER D 181 6.11 26.75 -10.97
CA SER D 181 5.77 27.74 -11.98
C SER D 181 7.00 28.07 -12.80
N THR D 182 6.89 27.93 -14.11
CA THR D 182 8.01 28.14 -15.03
C THR D 182 7.66 29.27 -15.99
N LEU D 183 8.45 30.34 -15.94
CA LEU D 183 8.33 31.44 -16.89
C LEU D 183 9.31 31.19 -18.03
N THR D 184 8.77 31.07 -19.25
CA THR D 184 9.58 30.78 -20.44
C THR D 184 9.63 32.01 -21.32
N LEU D 185 10.84 32.44 -21.67
CA LEU D 185 11.07 33.58 -22.54
C LEU D 185 12.03 33.17 -23.64
N THR D 186 12.19 34.05 -24.63
CA THR D 186 13.26 33.89 -25.59
C THR D 186 14.56 34.40 -24.99
N LYS D 187 15.68 33.78 -25.41
CA LYS D 187 16.97 34.19 -24.88
C LYS D 187 17.22 35.67 -25.09
N ASP D 188 16.74 36.23 -26.21
CA ASP D 188 16.94 37.65 -26.47
C ASP D 188 16.17 38.51 -25.46
N GLU D 189 14.93 38.12 -25.14
CA GLU D 189 14.15 38.88 -24.18
C GLU D 189 14.72 38.75 -22.78
N TYR D 190 15.32 37.59 -22.46
CA TYR D 190 15.85 37.37 -21.12
C TYR D 190 17.05 38.29 -20.83
N GLU D 191 17.86 38.58 -21.84
CA GLU D 191 19.06 39.39 -21.64
C GLU D 191 18.77 40.89 -21.64
N ARG D 192 17.61 41.32 -22.14
CA ARG D 192 17.24 42.72 -22.11
C ARG D 192 16.43 43.09 -20.87
N HIS D 193 16.53 42.28 -19.81
CA HIS D 193 15.87 42.58 -18.54
C HIS D 193 16.79 42.17 -17.41
N ASN D 194 16.63 42.84 -16.25
CA ASN D 194 17.56 42.70 -15.14
C ASN D 194 17.07 41.68 -14.11
N SER D 195 15.88 41.88 -13.55
CA SER D 195 15.41 41.07 -12.43
C SER D 195 14.10 40.36 -12.79
N TYR D 196 13.95 39.14 -12.27
CA TYR D 196 12.76 38.33 -12.45
C TYR D 196 12.29 37.86 -11.08
N THR D 197 11.04 38.14 -10.74
CA THR D 197 10.51 37.91 -9.41
C THR D 197 9.38 36.89 -9.45
N CYS D 198 9.46 35.90 -8.56
CA CYS D 198 8.38 34.93 -8.37
C CYS D 198 7.61 35.36 -7.12
N GLU D 199 6.39 35.86 -7.34
CA GLU D 199 5.60 36.48 -6.27
C GLU D 199 4.41 35.58 -5.96
N ALA D 200 4.35 35.09 -4.73
CA ALA D 200 3.26 34.24 -4.25
C ALA D 200 2.44 34.97 -3.21
N THR D 201 1.13 34.75 -3.24
CA THR D 201 0.19 35.38 -2.31
C THR D 201 -0.57 34.29 -1.58
N HIS D 202 -0.26 34.09 -0.30
CA HIS D 202 -0.90 33.10 0.55
C HIS D 202 -1.64 33.82 1.68
N LYS D 203 -2.32 33.04 2.53
CA LYS D 203 -3.22 33.60 3.53
C LYS D 203 -2.59 33.81 4.91
N THR D 204 -1.49 33.10 5.22
CA THR D 204 -0.96 33.02 6.57
C THR D 204 -0.24 34.27 7.05
N SER D 205 -0.41 35.39 6.36
CA SER D 205 0.66 36.38 6.35
C SER D 205 0.34 37.64 5.52
N THR D 206 0.90 38.84 5.82
CA THR D 206 0.37 40.17 5.44
C THR D 206 0.54 40.64 3.99
N SER D 207 1.81 40.96 3.55
CA SER D 207 2.13 41.47 2.19
C SER D 207 2.97 40.48 1.36
N PRO D 208 2.78 40.47 0.02
CA PRO D 208 3.23 39.34 -0.81
C PRO D 208 4.61 38.76 -0.50
N ILE D 209 4.78 37.47 -0.80
CA ILE D 209 6.10 36.82 -0.76
C ILE D 209 6.87 37.24 -2.00
N VAL D 210 8.14 37.61 -1.81
CA VAL D 210 9.00 38.05 -2.90
C VAL D 210 10.29 37.25 -2.85
N LYS D 211 10.58 36.52 -3.92
CA LYS D 211 11.88 35.90 -4.13
C LYS D 211 12.35 36.25 -5.53
N SER D 212 13.50 36.92 -5.63
CA SER D 212 13.97 37.47 -6.88
C SER D 212 15.43 37.12 -7.10
N PHE D 213 15.83 37.09 -8.37
CA PHE D 213 17.23 36.98 -8.76
C PHE D 213 17.52 38.04 -9.81
N ASN D 214 18.76 38.53 -9.81
CA ASN D 214 19.12 39.73 -10.56
C ASN D 214 19.61 39.35 -11.95
N ARG D 215 20.43 40.21 -12.56
CA ARG D 215 20.71 40.17 -13.99
C ARG D 215 21.03 38.76 -14.48
N GLY D 216 22.12 38.18 -13.98
CA GLY D 216 22.56 36.88 -14.43
C GLY D 216 23.02 36.85 -15.88
#